data_7T7L
#
_entry.id   7T7L
#
_cell.length_a   56.821
_cell.length_b   72.303
_cell.length_c   85.029
_cell.angle_alpha   71.150
_cell.angle_beta   86.170
_cell.angle_gamma   89.100
#
_symmetry.space_group_name_H-M   'P 1'
#
loop_
_entity.id
_entity.type
_entity.pdbx_description
1 polymer 'Histone-lysine N-methyltransferase EHMT2'
2 non-polymer 'ZINC ION'
3 non-polymer S-ADENOSYLMETHIONINE
4 non-polymer N-(6-methoxy-4-{[1-(propan-2-yl)piperidin-4-yl]amino}-7-[3-(pyrrolidin-1-yl)propoxy]quinazolin-2-yl)propanamide
5 non-polymer N-(6-methoxy-4-{[1-(propan-2-yl)piperidin-4-yl]amino}-7-[3-(pyrrolidin-1-yl)propoxy]quinazolin-2-yl)prop-2-enamide
6 water water
#
_entity_poly.entity_id   1
_entity_poly.type   'polypeptide(L)'
_entity_poly.pdbx_seq_one_letter_code
;GSNRAIRTEKIICRDVARGYENVPIPCVNGVDGEPCPEDYKYISENCETSTMNIDRNITHLQHCTCVDDCSSSNCLCGQL
SIRCWYDKDGRLLQEFNKIEPPLIFECNQACSCWRNCKNRVVQSGIKVRLQLYRTAKMGWGVRALQTIPQGTFICEYVGE
LISDAEADVREDDSYLFDLDNKDGEVYCIDARYYGNISRFINHLCDPNIIPVRVFMLHQDLRFPRIAFFSSRDIRTGEEL
GFDYGDRFWDIKSKYFTCQCGSEKCKHSAEAIALEQSRLARLD
;
_entity_poly.pdbx_strand_id   A,B,C,D
#
loop_
_chem_comp.id
_chem_comp.type
_chem_comp.name
_chem_comp.formula
G4R non-polymer N-(6-methoxy-4-{[1-(propan-2-yl)piperidin-4-yl]amino}-7-[3-(pyrrolidin-1-yl)propoxy]quinazolin-2-yl)prop-2-enamide 'C27 H40 N6 O3'
G5U non-polymer N-(6-methoxy-4-{[1-(propan-2-yl)piperidin-4-yl]amino}-7-[3-(pyrrolidin-1-yl)propoxy]quinazolin-2-yl)propanamide 'C27 H42 N6 O3'
SAM non-polymer S-ADENOSYLMETHIONINE 'C15 H22 N6 O5 S'
ZN non-polymer 'ZINC ION' 'Zn 2'
#
# COMPACT_ATOMS: atom_id res chain seq x y z
N ILE A 11 -32.85 -6.76 -14.68
CA ILE A 11 -31.78 -7.03 -13.73
C ILE A 11 -31.62 -8.54 -13.61
N ILE A 12 -31.35 -9.19 -14.73
CA ILE A 12 -31.35 -10.64 -14.80
C ILE A 12 -29.95 -11.22 -14.56
N CYS A 13 -28.92 -10.55 -15.04
CA CYS A 13 -27.53 -10.96 -14.81
C CYS A 13 -26.74 -9.73 -14.40
N ARG A 14 -26.09 -9.80 -13.22
CA ARG A 14 -25.39 -8.65 -12.68
C ARG A 14 -24.07 -8.37 -13.37
N ASP A 15 -23.53 -9.33 -14.13
CA ASP A 15 -22.27 -9.12 -14.84
C ASP A 15 -22.14 -10.21 -15.90
N VAL A 16 -22.41 -9.84 -17.15
CA VAL A 16 -22.23 -10.77 -18.26
C VAL A 16 -20.76 -11.07 -18.51
N ALA A 17 -19.86 -10.24 -17.99
CA ALA A 17 -18.42 -10.42 -18.17
C ALA A 17 -17.80 -11.36 -17.15
N ARG A 18 -18.58 -11.83 -16.18
CA ARG A 18 -18.11 -12.80 -15.18
C ARG A 18 -16.88 -12.30 -14.43
N GLY A 19 -16.84 -10.99 -14.16
CA GLY A 19 -15.74 -10.39 -13.43
C GLY A 19 -14.46 -10.24 -14.21
N TYR A 20 -14.50 -10.35 -15.53
CA TYR A 20 -13.28 -10.25 -16.34
C TYR A 20 -12.90 -8.79 -16.64
N GLU A 21 -13.83 -7.86 -16.53
CA GLU A 21 -13.57 -6.47 -16.82
C GLU A 21 -13.30 -5.70 -15.54
N ASN A 22 -12.94 -4.41 -15.68
CA ASN A 22 -12.72 -3.57 -14.51
C ASN A 22 -14.00 -3.38 -13.71
N VAL A 23 -15.12 -3.24 -14.39
CA VAL A 23 -16.41 -3.00 -13.75
C VAL A 23 -17.41 -4.03 -14.26
N PRO A 24 -18.45 -4.31 -13.48
CA PRO A 24 -19.48 -5.25 -13.95
C PRO A 24 -20.31 -4.64 -15.06
N ILE A 25 -20.84 -5.51 -15.92
CA ILE A 25 -21.74 -5.11 -16.99
C ILE A 25 -23.05 -5.87 -16.83
N PRO A 26 -24.04 -5.30 -16.14
CA PRO A 26 -25.29 -6.03 -15.89
C PRO A 26 -26.13 -6.14 -17.15
N CYS A 27 -27.10 -7.06 -17.11
CA CYS A 27 -28.03 -7.31 -18.19
C CYS A 27 -29.46 -7.16 -17.68
N VAL A 28 -30.27 -6.38 -18.38
CA VAL A 28 -31.68 -6.20 -18.03
C VAL A 28 -32.52 -6.35 -19.30
N ASN A 29 -33.77 -6.78 -19.10
CA ASN A 29 -34.76 -6.84 -20.17
C ASN A 29 -36.09 -6.35 -19.59
N GLY A 30 -36.58 -5.22 -20.10
CA GLY A 30 -37.86 -4.70 -19.69
C GLY A 30 -38.80 -4.54 -20.85
N VAL A 31 -38.53 -5.26 -21.95
CA VAL A 31 -39.29 -5.13 -23.19
C VAL A 31 -40.06 -6.41 -23.50
N ASP A 32 -39.38 -7.56 -23.49
CA ASP A 32 -40.01 -8.82 -23.84
C ASP A 32 -39.50 -9.91 -22.91
N GLY A 33 -39.81 -11.16 -23.24
CA GLY A 33 -39.44 -12.31 -22.45
C GLY A 33 -38.16 -13.01 -22.87
N GLU A 34 -37.35 -12.38 -23.71
CA GLU A 34 -36.09 -13.01 -24.11
C GLU A 34 -35.12 -13.03 -22.94
N PRO A 35 -34.56 -14.19 -22.60
CA PRO A 35 -33.57 -14.24 -21.52
C PRO A 35 -32.26 -13.61 -21.97
N CYS A 36 -31.44 -13.24 -20.98
CA CYS A 36 -30.15 -12.64 -21.28
C CYS A 36 -29.33 -13.61 -22.12
N PRO A 37 -28.73 -13.15 -23.23
CA PRO A 37 -28.21 -14.09 -24.23
C PRO A 37 -27.04 -14.91 -23.71
N GLU A 38 -26.98 -16.17 -24.17
CA GLU A 38 -25.92 -17.09 -23.77
C GLU A 38 -25.39 -17.93 -24.92
N ASP A 39 -25.72 -17.60 -26.17
CA ASP A 39 -25.20 -18.33 -27.32
C ASP A 39 -23.88 -17.74 -27.81
N TYR A 40 -22.98 -17.49 -26.86
CA TYR A 40 -21.64 -17.01 -27.17
C TYR A 40 -20.77 -17.24 -25.93
N LYS A 41 -19.49 -16.94 -26.07
CA LYS A 41 -18.51 -17.09 -25.00
C LYS A 41 -17.89 -15.73 -24.74
N TYR A 42 -18.15 -15.17 -23.56
CA TYR A 42 -17.60 -13.85 -23.25
C TYR A 42 -16.10 -13.96 -23.01
N ILE A 43 -15.34 -13.11 -23.69
CA ILE A 43 -13.90 -12.99 -23.51
C ILE A 43 -13.56 -11.51 -23.46
N SER A 44 -12.63 -11.14 -22.57
CA SER A 44 -12.22 -9.75 -22.45
C SER A 44 -11.11 -9.36 -23.41
N GLU A 45 -10.37 -10.33 -23.94
CA GLU A 45 -9.28 -10.07 -24.87
C GLU A 45 -9.45 -10.94 -26.11
N ASN A 46 -8.85 -10.50 -27.21
CA ASN A 46 -8.97 -11.22 -28.46
C ASN A 46 -8.39 -12.63 -28.34
N CYS A 47 -8.98 -13.56 -29.07
CA CYS A 47 -8.55 -14.95 -29.08
C CYS A 47 -8.31 -15.38 -30.53
N GLU A 48 -7.74 -16.58 -30.68
CA GLU A 48 -7.54 -17.16 -32.00
C GLU A 48 -7.90 -18.64 -31.97
N THR A 49 -8.47 -19.12 -33.07
CA THR A 49 -8.85 -20.52 -33.23
C THR A 49 -7.97 -21.23 -34.24
N SER A 50 -6.89 -20.59 -34.65
CA SER A 50 -5.89 -21.10 -35.59
C SER A 50 -4.75 -20.08 -35.61
N THR A 51 -3.54 -20.57 -35.89
CA THR A 51 -2.35 -19.76 -35.72
C THR A 51 -2.43 -18.47 -36.56
N MET A 52 -2.26 -17.34 -35.88
CA MET A 52 -2.29 -16.04 -36.52
C MET A 52 -0.90 -15.47 -36.80
N ASN A 53 0.12 -15.94 -36.08
CA ASN A 53 1.51 -15.52 -36.31
C ASN A 53 1.69 -14.02 -36.12
N ILE A 54 1.14 -13.50 -35.02
CA ILE A 54 1.35 -12.10 -34.68
C ILE A 54 2.81 -11.91 -34.26
N ASP A 55 3.43 -10.85 -34.78
CA ASP A 55 4.81 -10.53 -34.46
C ASP A 55 4.85 -9.94 -33.05
N ARG A 56 5.28 -10.77 -32.08
CA ARG A 56 5.38 -10.35 -30.69
C ARG A 56 6.82 -10.09 -30.25
N ASN A 57 7.71 -9.81 -31.21
CA ASN A 57 9.11 -9.57 -30.88
C ASN A 57 9.24 -8.24 -30.14
N ILE A 58 9.70 -8.28 -28.89
CA ILE A 58 9.82 -7.08 -28.08
C ILE A 58 10.81 -6.10 -28.70
N THR A 59 11.79 -6.60 -29.45
CA THR A 59 12.78 -5.74 -30.09
C THR A 59 12.25 -5.07 -31.35
N HIS A 60 11.06 -5.45 -31.82
CA HIS A 60 10.45 -4.82 -32.98
C HIS A 60 9.47 -3.72 -32.58
N LEU A 61 9.38 -3.39 -31.30
CA LEU A 61 8.49 -2.35 -30.81
C LEU A 61 9.19 -1.00 -30.90
N GLN A 62 8.56 -0.05 -31.59
CA GLN A 62 8.95 1.34 -31.45
C GLN A 62 8.49 1.85 -30.09
N HIS A 63 9.38 2.53 -29.37
CA HIS A 63 9.10 2.92 -28.01
C HIS A 63 9.74 4.28 -27.73
N CYS A 64 9.41 4.84 -26.58
CA CYS A 64 9.89 6.15 -26.17
C CYS A 64 10.90 6.03 -25.04
N THR A 65 11.65 7.12 -24.82
CA THR A 65 12.65 7.20 -23.77
C THR A 65 12.25 8.18 -22.68
N CYS A 66 10.96 8.54 -22.61
CA CYS A 66 10.51 9.57 -21.70
C CYS A 66 10.73 9.17 -20.25
N VAL A 67 11.14 10.14 -19.43
CA VAL A 67 11.23 9.96 -17.99
C VAL A 67 10.19 10.78 -17.25
N ASP A 68 9.30 11.46 -17.98
CA ASP A 68 8.14 12.11 -17.36
C ASP A 68 6.91 11.23 -17.56
N ASP A 69 5.73 11.85 -17.69
CA ASP A 69 4.49 11.12 -17.88
C ASP A 69 4.06 11.04 -19.34
N CYS A 70 5.00 11.26 -20.27
CA CYS A 70 4.75 11.20 -21.71
C CYS A 70 3.70 12.24 -22.14
N SER A 71 3.66 13.38 -21.45
CA SER A 71 2.79 14.48 -21.82
C SER A 71 3.47 15.48 -22.73
N SER A 72 4.76 15.33 -23.00
CA SER A 72 5.50 16.24 -23.85
C SER A 72 5.39 15.84 -25.31
N SER A 73 5.59 16.81 -26.20
CA SER A 73 5.54 16.56 -27.63
CA SER A 73 5.54 16.56 -27.63
C SER A 73 6.73 15.77 -28.13
N ASN A 74 7.73 15.52 -27.28
CA ASN A 74 8.91 14.77 -27.66
C ASN A 74 8.72 13.25 -27.52
N CYS A 75 7.61 12.81 -26.95
CA CYS A 75 7.34 11.38 -26.84
C CYS A 75 7.23 10.76 -28.23
N LEU A 76 8.06 9.73 -28.47
CA LEU A 76 8.08 9.10 -29.79
C LEU A 76 6.76 8.42 -30.09
N CYS A 77 6.20 7.71 -29.11
CA CYS A 77 4.92 7.03 -29.31
C CYS A 77 3.84 8.03 -29.70
N GLY A 78 3.83 9.20 -29.06
CA GLY A 78 2.95 10.27 -29.51
C GLY A 78 3.25 10.69 -30.93
N GLN A 79 4.54 10.82 -31.27
CA GLN A 79 4.92 11.18 -32.63
C GLN A 79 4.49 10.12 -33.64
N LEU A 80 4.49 8.84 -33.23
CA LEU A 80 4.02 7.78 -34.12
C LEU A 80 2.58 8.02 -34.53
N SER A 81 1.76 8.58 -33.63
CA SER A 81 0.36 8.85 -33.88
C SER A 81 0.13 10.30 -34.32
N ILE A 82 1.10 10.88 -35.03
CA ILE A 82 1.16 12.32 -35.33
C ILE A 82 1.41 13.08 -34.03
N ARG A 83 0.47 12.99 -33.10
CA ARG A 83 0.65 13.50 -31.75
C ARG A 83 -0.15 12.62 -30.80
N CYS A 84 0.10 12.78 -29.50
CA CYS A 84 -0.72 12.09 -28.51
C CYS A 84 -2.07 12.78 -28.42
N TRP A 85 -3.14 12.05 -28.71
CA TRP A 85 -4.47 12.62 -28.77
C TRP A 85 -5.23 12.52 -27.46
N TYR A 86 -4.61 11.98 -26.40
CA TYR A 86 -5.23 11.90 -25.09
C TYR A 86 -4.91 13.16 -24.30
N ASP A 87 -5.93 13.76 -23.69
CA ASP A 87 -5.69 14.89 -22.79
C ASP A 87 -5.27 14.36 -21.42
N LYS A 88 -5.16 15.27 -20.45
CA LYS A 88 -4.70 14.87 -19.12
CA LYS A 88 -4.70 14.86 -19.13
C LYS A 88 -5.64 13.90 -18.45
N ASP A 89 -6.92 13.87 -18.83
CA ASP A 89 -7.89 12.96 -18.25
C ASP A 89 -8.08 11.69 -19.08
N GLY A 90 -7.29 11.51 -20.13
CA GLY A 90 -7.39 10.32 -20.94
C GLY A 90 -8.44 10.36 -22.03
N ARG A 91 -8.93 11.55 -22.37
CA ARG A 91 -9.98 11.71 -23.36
C ARG A 91 -9.42 12.30 -24.64
N LEU A 92 -9.98 11.87 -25.77
CA LEU A 92 -9.54 12.36 -27.07
C LEU A 92 -9.76 13.87 -27.18
N LEU A 93 -8.79 14.54 -27.79
CA LEU A 93 -8.95 15.97 -28.09
C LEU A 93 -10.05 16.15 -29.13
N GLN A 94 -10.73 17.29 -29.08
CA GLN A 94 -11.77 17.49 -30.08
C GLN A 94 -11.19 17.76 -31.47
N GLU A 95 -9.90 18.08 -31.57
CA GLU A 95 -9.23 18.16 -32.85
C GLU A 95 -9.11 16.81 -33.53
N PHE A 96 -9.45 15.73 -32.84
CA PHE A 96 -9.31 14.38 -33.39
C PHE A 96 -10.18 14.21 -34.63
N ASN A 97 -9.54 13.77 -35.72
CA ASN A 97 -10.23 13.52 -36.98
C ASN A 97 -11.25 12.39 -36.83
N LYS A 98 -12.48 12.73 -36.46
CA LYS A 98 -13.48 11.72 -36.14
C LYS A 98 -13.99 10.97 -37.37
N ILE A 99 -13.76 11.47 -38.58
CA ILE A 99 -14.20 10.77 -39.77
C ILE A 99 -13.11 9.85 -40.31
N GLU A 100 -11.85 10.27 -40.24
CA GLU A 100 -10.72 9.45 -40.66
C GLU A 100 -9.71 9.46 -39.52
N PRO A 101 -9.90 8.61 -38.52
CA PRO A 101 -9.02 8.66 -37.35
C PRO A 101 -7.63 8.14 -37.69
N PRO A 102 -6.60 8.70 -37.06
CA PRO A 102 -5.25 8.17 -37.26
C PRO A 102 -5.03 6.90 -36.44
N LEU A 103 -3.90 6.25 -36.70
CA LEU A 103 -3.48 5.12 -35.90
C LEU A 103 -2.90 5.61 -34.59
N ILE A 104 -3.37 5.05 -33.48
CA ILE A 104 -2.89 5.41 -32.15
C ILE A 104 -1.89 4.36 -31.68
N PHE A 105 -0.69 4.80 -31.32
CA PHE A 105 0.37 3.93 -30.82
C PHE A 105 0.55 4.25 -29.33
N GLU A 106 -0.06 3.44 -28.48
CA GLU A 106 0.08 3.65 -27.05
C GLU A 106 1.44 3.13 -26.56
N CYS A 107 1.87 3.66 -25.42
CA CYS A 107 3.13 3.23 -24.85
C CYS A 107 3.08 1.75 -24.46
N ASN A 108 4.22 1.09 -24.52
CA ASN A 108 4.28 -0.36 -24.35
C ASN A 108 5.32 -0.79 -23.34
N GLN A 109 5.55 -2.11 -23.26
CA GLN A 109 6.47 -2.66 -22.27
C GLN A 109 7.93 -2.41 -22.60
N ALA A 110 8.25 -1.95 -23.81
CA ALA A 110 9.61 -1.55 -24.13
C ALA A 110 9.91 -0.10 -23.76
N CYS A 111 8.88 0.72 -23.57
CA CYS A 111 9.08 2.10 -23.20
C CYS A 111 9.71 2.20 -21.81
N SER A 112 10.41 3.31 -21.57
CA SER A 112 11.02 3.56 -20.27
C SER A 112 10.08 4.26 -19.29
N CYS A 113 8.88 4.63 -19.73
CA CYS A 113 7.94 5.36 -18.89
C CYS A 113 7.27 4.41 -17.90
N TRP A 114 6.44 4.97 -17.04
CA TRP A 114 5.71 4.20 -16.04
C TRP A 114 4.37 3.74 -16.60
N ARG A 115 3.81 2.72 -15.95
CA ARG A 115 2.54 2.13 -16.36
C ARG A 115 1.37 3.11 -16.27
N ASN A 116 1.57 4.27 -15.62
CA ASN A 116 0.50 5.25 -15.43
C ASN A 116 0.68 6.48 -16.32
N CYS A 117 1.50 6.40 -17.36
CA CYS A 117 1.73 7.55 -18.22
C CYS A 117 0.47 7.91 -19.01
N LYS A 118 0.50 9.09 -19.62
CA LYS A 118 -0.68 9.66 -20.28
C LYS A 118 -1.01 9.00 -21.61
N ASN A 119 -0.24 8.02 -22.05
CA ASN A 119 -0.46 7.39 -23.35
C ASN A 119 -0.82 5.92 -23.19
N ARG A 120 -1.76 5.63 -22.29
CA ARG A 120 -2.10 4.24 -21.97
C ARG A 120 -3.58 4.11 -21.66
N VAL A 121 -4.43 4.78 -22.44
CA VAL A 121 -5.86 4.81 -22.14
C VAL A 121 -6.51 3.46 -22.45
N VAL A 122 -6.36 2.99 -23.69
CA VAL A 122 -7.09 1.80 -24.13
C VAL A 122 -6.61 0.57 -23.36
N GLN A 123 -5.30 0.45 -23.14
CA GLN A 123 -4.76 -0.72 -22.46
C GLN A 123 -5.16 -0.81 -20.99
N SER A 124 -5.80 0.22 -20.45
CA SER A 124 -6.22 0.22 -19.05
C SER A 124 -7.61 -0.37 -18.85
N GLY A 125 -8.38 -0.57 -19.91
CA GLY A 125 -9.65 -1.26 -19.79
C GLY A 125 -10.84 -0.33 -19.66
N ILE A 126 -11.99 -0.97 -19.43
CA ILE A 126 -13.26 -0.24 -19.33
C ILE A 126 -13.33 0.50 -18.00
N LYS A 127 -13.72 1.76 -18.06
CA LYS A 127 -13.91 2.56 -16.85
C LYS A 127 -15.35 3.06 -16.68
N VAL A 128 -16.07 3.29 -17.77
CA VAL A 128 -17.45 3.77 -17.67
C VAL A 128 -18.38 2.60 -17.34
N ARG A 129 -19.58 2.94 -16.89
CA ARG A 129 -20.58 1.96 -16.46
C ARG A 129 -21.56 1.72 -17.60
N LEU A 130 -21.58 0.49 -18.11
CA LEU A 130 -22.43 0.11 -19.23
C LEU A 130 -23.48 -0.89 -18.78
N GLN A 131 -24.50 -1.07 -19.63
CA GLN A 131 -25.57 -2.02 -19.34
C GLN A 131 -26.01 -2.69 -20.63
N LEU A 132 -26.05 -4.02 -20.61
CA LEU A 132 -26.68 -4.78 -21.67
C LEU A 132 -28.18 -4.77 -21.44
N TYR A 133 -28.94 -4.24 -22.40
CA TYR A 133 -30.38 -4.08 -22.23
C TYR A 133 -31.09 -4.46 -23.52
N ARG A 134 -32.36 -4.82 -23.37
CA ARG A 134 -33.20 -5.19 -24.50
C ARG A 134 -33.82 -3.93 -25.10
N THR A 135 -33.52 -3.66 -26.37
CA THR A 135 -34.14 -2.55 -27.07
C THR A 135 -35.55 -2.93 -27.51
N ALA A 136 -36.24 -1.98 -28.13
CA ALA A 136 -37.61 -2.22 -28.57
C ALA A 136 -37.70 -2.82 -29.96
N LYS A 137 -36.76 -2.49 -30.85
CA LYS A 137 -36.84 -2.94 -32.24
C LYS A 137 -35.50 -3.43 -32.79
N MET A 138 -34.45 -3.51 -31.97
CA MET A 138 -33.12 -3.86 -32.44
C MET A 138 -32.55 -5.09 -31.74
N GLY A 139 -33.35 -5.81 -30.95
CA GLY A 139 -32.76 -6.87 -30.15
C GLY A 139 -32.00 -6.28 -28.97
N TRP A 140 -30.85 -6.87 -28.66
CA TRP A 140 -30.06 -6.40 -27.54
C TRP A 140 -29.21 -5.19 -27.92
N GLY A 141 -29.00 -4.31 -26.93
CA GLY A 141 -28.19 -3.13 -27.12
C GLY A 141 -27.39 -2.82 -25.87
N VAL A 142 -26.52 -1.83 -25.98
CA VAL A 142 -25.69 -1.36 -24.87
C VAL A 142 -25.98 0.12 -24.66
N ARG A 143 -26.17 0.51 -23.40
CA ARG A 143 -26.46 1.90 -23.07
C ARG A 143 -25.61 2.32 -21.87
N ALA A 144 -25.44 3.63 -21.75
CA ALA A 144 -24.65 4.18 -20.66
C ALA A 144 -25.47 4.27 -19.38
N LEU A 145 -24.89 3.83 -18.27
CA LEU A 145 -25.48 4.03 -16.95
C LEU A 145 -24.97 5.29 -16.28
N GLN A 146 -24.39 6.20 -17.05
CA GLN A 146 -23.77 7.41 -16.53
C GLN A 146 -23.55 8.37 -17.68
N THR A 147 -23.33 9.64 -17.33
CA THR A 147 -22.95 10.62 -18.34
C THR A 147 -21.50 10.38 -18.75
N ILE A 148 -21.25 10.43 -20.06
CA ILE A 148 -19.94 10.16 -20.63
C ILE A 148 -19.51 11.38 -21.43
N PRO A 149 -18.44 12.08 -21.04
CA PRO A 149 -17.96 13.21 -21.84
C PRO A 149 -17.44 12.76 -23.19
N GLN A 150 -17.41 13.72 -24.13
CA GLN A 150 -16.88 13.44 -25.45
C GLN A 150 -15.41 13.03 -25.37
N GLY A 151 -15.04 12.06 -26.21
CA GLY A 151 -13.66 11.60 -26.28
C GLY A 151 -13.29 10.52 -25.29
N THR A 152 -14.24 10.05 -24.49
CA THR A 152 -13.95 9.03 -23.48
C THR A 152 -13.90 7.64 -24.11
N PHE A 153 -12.93 6.85 -23.69
CA PHE A 153 -12.83 5.47 -24.14
C PHE A 153 -13.98 4.65 -23.55
N ILE A 154 -14.66 3.89 -24.41
CA ILE A 154 -15.83 3.12 -23.99
C ILE A 154 -15.42 1.67 -23.77
N CYS A 155 -15.01 1.00 -24.84
CA CYS A 155 -14.65 -0.42 -24.78
C CYS A 155 -13.97 -0.80 -26.09
N GLU A 156 -13.41 -2.00 -26.12
CA GLU A 156 -12.74 -2.54 -27.28
C GLU A 156 -13.62 -3.57 -27.97
N TYR A 157 -13.57 -3.63 -29.30
CA TYR A 157 -14.27 -4.67 -30.04
C TYR A 157 -13.42 -5.93 -29.98
N VAL A 158 -13.80 -6.85 -29.09
CA VAL A 158 -13.03 -8.04 -28.79
C VAL A 158 -13.74 -9.24 -29.42
N GLY A 159 -12.95 -10.15 -30.00
CA GLY A 159 -13.51 -11.35 -30.58
C GLY A 159 -12.48 -12.34 -31.08
N GLU A 160 -12.87 -13.15 -32.06
CA GLU A 160 -12.03 -14.21 -32.61
C GLU A 160 -11.29 -13.69 -33.83
N LEU A 161 -9.96 -13.64 -33.75
CA LEU A 161 -9.15 -13.24 -34.89
C LEU A 161 -9.21 -14.31 -35.97
N ILE A 162 -9.64 -13.94 -37.17
CA ILE A 162 -9.72 -14.86 -38.29
C ILE A 162 -9.20 -14.17 -39.55
N SER A 163 -8.74 -14.99 -40.50
CA SER A 163 -8.41 -14.49 -41.82
C SER A 163 -9.69 -14.16 -42.59
N ASP A 164 -9.54 -13.29 -43.59
CA ASP A 164 -10.69 -12.97 -44.43
C ASP A 164 -11.06 -14.12 -45.35
N ALA A 165 -10.14 -15.06 -45.58
CA ALA A 165 -10.51 -16.31 -46.23
C ALA A 165 -11.47 -17.12 -45.36
N GLU A 166 -11.23 -17.11 -44.05
CA GLU A 166 -12.14 -17.80 -43.13
C GLU A 166 -13.46 -17.06 -43.02
N ALA A 167 -13.43 -15.72 -43.09
CA ALA A 167 -14.68 -14.95 -43.09
C ALA A 167 -15.57 -15.32 -44.27
N ASP A 168 -14.97 -15.77 -45.37
CA ASP A 168 -15.72 -16.10 -46.58
C ASP A 168 -16.53 -17.38 -46.44
N VAL A 169 -16.29 -18.19 -45.41
CA VAL A 169 -17.06 -19.41 -45.19
C VAL A 169 -17.84 -19.35 -43.88
N ARG A 170 -17.99 -18.16 -43.32
CA ARG A 170 -18.72 -18.00 -42.06
C ARG A 170 -20.20 -17.77 -42.36
N GLU A 171 -21.05 -18.63 -41.80
CA GLU A 171 -22.48 -18.53 -42.04
C GLU A 171 -23.03 -17.18 -41.58
N ASP A 172 -22.72 -16.80 -40.35
CA ASP A 172 -23.26 -15.59 -39.73
C ASP A 172 -22.20 -14.50 -39.78
N ASP A 173 -22.45 -13.45 -40.56
CA ASP A 173 -21.53 -12.33 -40.69
C ASP A 173 -22.01 -11.09 -39.94
N SER A 174 -22.86 -11.26 -38.93
CA SER A 174 -23.45 -10.13 -38.23
C SER A 174 -22.56 -9.56 -37.14
N TYR A 175 -21.43 -10.20 -36.83
CA TYR A 175 -20.56 -9.76 -35.75
C TYR A 175 -19.11 -9.61 -36.23
N LEU A 176 -18.92 -9.17 -37.46
CA LEU A 176 -17.60 -9.13 -38.08
C LEU A 176 -17.12 -7.68 -38.19
N PHE A 177 -15.84 -7.48 -37.86
CA PHE A 177 -15.19 -6.18 -37.95
C PHE A 177 -13.94 -6.33 -38.80
N ASP A 178 -13.94 -5.70 -39.97
CA ASP A 178 -12.82 -5.80 -40.89
C ASP A 178 -11.62 -5.02 -40.37
N LEU A 179 -10.44 -5.62 -40.47
CA LEU A 179 -9.18 -4.97 -40.12
C LEU A 179 -8.35 -4.77 -41.37
N ASP A 180 -8.84 -3.85 -42.22
CA ASP A 180 -8.06 -3.34 -43.35
C ASP A 180 -6.70 -2.87 -42.87
N ASN A 181 -5.72 -2.90 -43.77
CA ASN A 181 -4.40 -2.36 -43.45
C ASN A 181 -3.57 -2.19 -44.72
N GLY A 184 -0.74 -5.70 -45.91
CA GLY A 184 -1.15 -6.39 -47.12
C GLY A 184 -2.29 -7.37 -46.90
N GLU A 185 -1.98 -8.51 -46.31
CA GLU A 185 -2.99 -9.53 -46.01
C GLU A 185 -4.09 -8.95 -45.12
N VAL A 186 -5.33 -9.33 -45.41
CA VAL A 186 -6.49 -8.79 -44.73
C VAL A 186 -6.94 -9.76 -43.65
N TYR A 187 -7.18 -9.23 -42.45
CA TYR A 187 -7.74 -9.98 -41.34
C TYR A 187 -8.98 -9.25 -40.82
N CYS A 188 -9.70 -9.90 -39.92
CA CYS A 188 -10.87 -9.29 -39.30
C CYS A 188 -11.18 -10.01 -37.99
N ILE A 189 -12.13 -9.45 -37.25
CA ILE A 189 -12.51 -9.95 -35.93
C ILE A 189 -13.96 -10.42 -36.00
N ASP A 190 -14.21 -11.63 -35.50
CA ASP A 190 -15.56 -12.19 -35.46
C ASP A 190 -15.98 -12.36 -34.01
N ALA A 191 -17.06 -11.67 -33.62
CA ALA A 191 -17.58 -11.72 -32.26
C ALA A 191 -18.80 -12.63 -32.14
N ARG A 192 -19.03 -13.49 -33.13
CA ARG A 192 -20.19 -14.37 -33.09
C ARG A 192 -20.08 -15.39 -31.96
N TYR A 193 -19.00 -16.16 -31.93
CA TYR A 193 -18.86 -17.21 -30.93
C TYR A 193 -18.06 -16.75 -29.71
N TYR A 194 -17.05 -15.92 -29.92
CA TYR A 194 -16.26 -15.32 -28.84
C TYR A 194 -16.33 -13.81 -28.99
N GLY A 195 -16.68 -13.12 -27.90
CA GLY A 195 -16.75 -11.67 -27.96
C GLY A 195 -16.98 -11.07 -26.59
N ASN A 196 -16.91 -9.74 -26.54
CA ASN A 196 -17.19 -9.01 -25.30
C ASN A 196 -18.43 -8.14 -25.44
N ILE A 197 -18.55 -7.12 -24.60
CA ILE A 197 -19.75 -6.29 -24.57
C ILE A 197 -19.98 -5.58 -25.90
N SER A 198 -18.89 -5.34 -26.66
CA SER A 198 -19.02 -4.61 -27.91
CA SER A 198 -19.02 -4.61 -27.91
C SER A 198 -19.84 -5.35 -28.95
N ARG A 199 -19.95 -6.68 -28.84
CA ARG A 199 -20.72 -7.45 -29.81
C ARG A 199 -22.21 -7.09 -29.78
N PHE A 200 -22.66 -6.32 -28.79
CA PHE A 200 -24.06 -5.97 -28.65
C PHE A 200 -24.35 -4.52 -29.00
N ILE A 201 -23.36 -3.77 -29.48
CA ILE A 201 -23.57 -2.39 -29.89
C ILE A 201 -24.19 -2.37 -31.28
N ASN A 202 -25.30 -1.66 -31.42
CA ASN A 202 -26.06 -1.63 -32.66
C ASN A 202 -25.60 -0.49 -33.57
N HIS A 203 -26.10 -0.50 -34.79
CA HIS A 203 -25.85 0.59 -35.73
C HIS A 203 -26.75 1.77 -35.40
N LEU A 204 -26.20 2.98 -35.57
CA LEU A 204 -26.96 4.21 -35.43
C LEU A 204 -26.59 5.14 -36.56
N CYS A 205 -27.60 5.66 -37.25
CA CYS A 205 -27.35 6.64 -38.31
C CYS A 205 -26.89 7.97 -37.74
N ASP A 206 -27.12 8.22 -36.45
CA ASP A 206 -26.56 9.36 -35.73
C ASP A 206 -25.73 8.78 -34.60
N PRO A 207 -24.53 8.30 -34.89
CA PRO A 207 -23.74 7.59 -33.88
C PRO A 207 -23.18 8.53 -32.83
N ASN A 208 -22.83 7.94 -31.68
CA ASN A 208 -22.21 8.67 -30.59
C ASN A 208 -20.86 8.09 -30.17
N ILE A 209 -20.40 7.02 -30.81
CA ILE A 209 -19.06 6.49 -30.60
C ILE A 209 -18.44 6.18 -31.95
N ILE A 210 -17.11 6.22 -32.01
CA ILE A 210 -16.38 5.93 -33.24
C ILE A 210 -15.31 4.88 -32.98
N PRO A 211 -15.00 4.02 -33.95
CA PRO A 211 -13.91 3.05 -33.78
C PRO A 211 -12.57 3.63 -34.21
N VAL A 212 -11.54 3.30 -33.44
CA VAL A 212 -10.18 3.74 -33.72
C VAL A 212 -9.24 2.54 -33.61
N ARG A 213 -8.29 2.45 -34.54
CA ARG A 213 -7.31 1.38 -34.51
C ARG A 213 -6.15 1.77 -33.60
N VAL A 214 -5.84 0.89 -32.64
CA VAL A 214 -4.85 1.17 -31.61
C VAL A 214 -3.85 0.02 -31.56
N PHE A 215 -2.61 0.35 -31.23
CA PHE A 215 -1.54 -0.63 -31.03
C PHE A 215 -0.98 -0.48 -29.63
N MET A 216 -0.81 -1.60 -28.94
CA MET A 216 -0.34 -1.57 -27.56
C MET A 216 0.86 -2.48 -27.36
N LEU A 217 0.64 -3.75 -27.03
CA LEU A 217 1.72 -4.65 -26.68
C LEU A 217 2.48 -5.18 -27.89
N HIS A 218 1.94 -5.02 -29.09
CA HIS A 218 2.66 -5.35 -30.32
C HIS A 218 2.39 -4.25 -31.34
N GLN A 219 3.12 -4.30 -32.45
CA GLN A 219 2.96 -3.32 -33.51
C GLN A 219 2.92 -3.97 -34.89
N ASP A 220 2.41 -5.20 -34.95
CA ASP A 220 2.14 -5.83 -36.24
C ASP A 220 0.93 -5.13 -36.85
N LEU A 221 1.15 -4.40 -37.94
CA LEU A 221 0.12 -3.55 -38.51
C LEU A 221 -1.01 -4.33 -39.16
N ARG A 222 -0.89 -5.67 -39.27
CA ARG A 222 -2.00 -6.48 -39.74
C ARG A 222 -3.07 -6.67 -38.68
N PHE A 223 -2.75 -6.44 -37.41
CA PHE A 223 -3.65 -6.72 -36.30
C PHE A 223 -3.85 -5.48 -35.43
N PRO A 224 -4.54 -4.47 -35.94
CA PRO A 224 -4.91 -3.34 -35.07
C PRO A 224 -6.06 -3.74 -34.17
N ARG A 225 -6.03 -3.23 -32.93
CA ARG A 225 -7.09 -3.47 -31.97
C ARG A 225 -8.08 -2.31 -32.01
N ILE A 226 -9.37 -2.63 -32.00
CA ILE A 226 -10.43 -1.67 -32.28
C ILE A 226 -10.95 -1.11 -30.97
N ALA A 227 -10.73 0.19 -30.76
CA ALA A 227 -11.21 0.87 -29.57
C ALA A 227 -12.36 1.81 -29.93
N PHE A 228 -13.34 1.89 -29.04
CA PHE A 228 -14.50 2.78 -29.22
C PHE A 228 -14.35 3.98 -28.29
N PHE A 229 -14.46 5.18 -28.86
CA PHE A 229 -14.46 6.41 -28.10
C PHE A 229 -15.75 7.19 -28.39
N SER A 230 -16.25 7.86 -27.36
CA SER A 230 -17.44 8.69 -27.54
C SER A 230 -17.12 9.86 -28.46
N SER A 231 -17.95 10.04 -29.49
CA SER A 231 -17.79 11.16 -30.42
C SER A 231 -18.47 12.43 -29.91
N ARG A 232 -19.24 12.34 -28.84
CA ARG A 232 -19.89 13.51 -28.25
CA ARG A 232 -19.91 13.51 -28.26
C ARG A 232 -20.29 13.17 -26.83
N ASP A 233 -20.79 14.17 -26.11
CA ASP A 233 -21.29 13.93 -24.77
C ASP A 233 -22.50 13.02 -24.82
N ILE A 234 -22.53 12.03 -23.92
CA ILE A 234 -23.58 11.02 -23.90
C ILE A 234 -24.26 11.05 -22.54
N ARG A 235 -25.58 11.12 -22.55
CA ARG A 235 -26.37 11.17 -21.32
C ARG A 235 -26.64 9.76 -20.79
N THR A 236 -27.01 9.71 -19.51
CA THR A 236 -27.31 8.43 -18.88
C THR A 236 -28.52 7.78 -19.54
N GLY A 237 -28.46 6.46 -19.71
CA GLY A 237 -29.53 5.72 -20.34
C GLY A 237 -29.53 5.76 -21.85
N GLU A 238 -28.65 6.55 -22.46
CA GLU A 238 -28.62 6.69 -23.90
C GLU A 238 -27.89 5.50 -24.54
N GLU A 239 -28.45 5.00 -25.62
CA GLU A 239 -27.87 3.85 -26.30
C GLU A 239 -26.62 4.25 -27.07
N LEU A 240 -25.58 3.41 -26.95
CA LEU A 240 -24.35 3.59 -27.71
C LEU A 240 -24.49 2.91 -29.06
N GLY A 241 -23.93 3.56 -30.09
CA GLY A 241 -23.99 3.01 -31.42
C GLY A 241 -22.99 3.72 -32.33
N PHE A 242 -22.43 2.96 -33.25
CA PHE A 242 -21.50 3.48 -34.24
C PHE A 242 -22.01 3.17 -35.64
N ASP A 243 -21.42 3.84 -36.62
CA ASP A 243 -21.80 3.66 -38.03
C ASP A 243 -21.23 2.34 -38.52
N TYR A 244 -22.10 1.35 -38.72
CA TYR A 244 -21.68 0.05 -39.23
C TYR A 244 -20.99 0.16 -40.59
N GLY A 245 -21.31 1.19 -41.36
CA GLY A 245 -20.74 1.35 -42.69
C GLY A 245 -21.64 0.79 -43.77
N ASP A 246 -21.29 1.11 -45.02
CA ASP A 246 -22.12 0.73 -46.15
C ASP A 246 -21.98 -0.73 -46.52
N ARG A 247 -20.82 -1.34 -46.26
CA ARG A 247 -20.64 -2.75 -46.58
C ARG A 247 -21.67 -3.61 -45.85
N PHE A 248 -21.92 -3.31 -44.58
CA PHE A 248 -22.91 -4.06 -43.81
C PHE A 248 -24.31 -3.89 -44.38
N TRP A 249 -24.67 -2.67 -44.76
CA TRP A 249 -26.04 -2.37 -45.17
C TRP A 249 -26.33 -2.72 -46.62
N ASP A 250 -25.31 -2.68 -47.50
CA ASP A 250 -25.52 -3.19 -48.85
C ASP A 250 -25.80 -4.68 -48.84
N ILE A 251 -25.42 -5.39 -47.79
CA ILE A 251 -25.62 -6.83 -47.68
C ILE A 251 -26.92 -7.12 -46.94
N LYS A 252 -27.07 -6.57 -45.73
CA LYS A 252 -28.16 -6.95 -44.84
C LYS A 252 -29.48 -6.26 -45.14
N SER A 253 -29.49 -5.24 -46.02
CA SER A 253 -30.73 -4.50 -46.26
C SER A 253 -31.82 -5.39 -46.85
N LYS A 254 -31.44 -6.46 -47.54
CA LYS A 254 -32.43 -7.34 -48.16
C LYS A 254 -33.15 -8.22 -47.15
N TYR A 255 -32.65 -8.30 -45.92
CA TYR A 255 -33.27 -9.10 -44.87
C TYR A 255 -33.95 -8.27 -43.80
N PHE A 256 -33.49 -7.04 -43.57
CA PHE A 256 -34.09 -6.14 -42.59
C PHE A 256 -33.56 -4.74 -42.87
N THR A 257 -34.23 -3.75 -42.27
CA THR A 257 -33.87 -2.35 -42.44
C THR A 257 -33.54 -1.73 -41.09
N CYS A 258 -32.91 -0.56 -41.14
CA CYS A 258 -32.47 0.10 -39.92
C CYS A 258 -33.65 0.62 -39.12
N GLN A 259 -33.55 0.50 -37.80
CA GLN A 259 -34.62 0.89 -36.88
C GLN A 259 -34.14 1.93 -35.86
N CYS A 260 -33.11 2.69 -36.21
CA CYS A 260 -32.59 3.69 -35.28
C CYS A 260 -33.56 4.83 -35.04
N GLY A 261 -34.51 5.04 -35.95
CA GLY A 261 -35.54 6.04 -35.73
C GLY A 261 -35.06 7.47 -35.75
N SER A 262 -33.84 7.72 -36.23
CA SER A 262 -33.36 9.09 -36.37
C SER A 262 -33.93 9.73 -37.62
N GLU A 263 -34.20 11.04 -37.54
CA GLU A 263 -34.63 11.77 -38.72
C GLU A 263 -33.56 11.76 -39.81
N LYS A 264 -32.32 11.43 -39.46
CA LYS A 264 -31.21 11.30 -40.39
C LYS A 264 -31.02 9.88 -40.90
N CYS A 265 -31.98 9.00 -40.63
CA CYS A 265 -31.80 7.59 -40.94
C CYS A 265 -31.56 7.39 -42.43
N LYS A 266 -30.42 6.79 -42.76
CA LYS A 266 -30.13 6.40 -44.12
C LYS A 266 -30.60 4.98 -44.46
N HIS A 267 -30.67 4.05 -43.51
CA HIS A 267 -30.98 2.66 -43.86
C HIS A 267 -32.37 2.18 -43.40
N SER A 268 -33.33 3.09 -43.18
CA SER A 268 -34.71 2.64 -42.95
C SER A 268 -35.37 2.16 -44.25
N ALA A 269 -36.45 1.40 -44.10
CA ALA A 269 -37.25 1.00 -45.26
C ALA A 269 -37.73 2.22 -46.03
N GLU A 270 -38.13 3.27 -45.31
CA GLU A 270 -38.60 4.49 -45.97
C GLU A 270 -37.48 5.21 -46.68
N ALA A 271 -36.30 5.27 -46.06
CA ALA A 271 -35.15 5.91 -46.70
C ALA A 271 -34.70 5.13 -47.92
N ILE A 272 -34.61 3.79 -47.80
CA ILE A 272 -34.19 2.97 -48.93
C ILE A 272 -35.19 3.08 -50.07
N ALA A 273 -36.48 3.10 -49.75
CA ALA A 273 -37.50 3.22 -50.79
C ALA A 273 -37.50 4.60 -51.42
N LEU A 274 -37.07 5.63 -50.69
CA LEU A 274 -37.16 6.99 -51.19
C LEU A 274 -36.14 7.26 -52.29
N GLU A 275 -34.90 6.80 -52.11
CA GLU A 275 -33.85 7.09 -53.07
C GLU A 275 -33.70 6.04 -54.16
N GLN A 276 -34.17 4.82 -53.92
CA GLN A 276 -34.21 3.80 -54.97
C GLN A 276 -35.41 3.97 -55.90
N SER A 277 -36.17 5.05 -55.75
CA SER A 277 -37.24 5.40 -56.66
C SER A 277 -36.87 6.54 -57.59
N ARG A 278 -35.57 6.82 -57.73
CA ARG A 278 -35.13 7.92 -58.57
C ARG A 278 -34.31 7.40 -59.76
N ILE B 11 -27.59 14.28 27.57
CA ILE B 11 -26.37 13.78 26.95
C ILE B 11 -26.31 12.26 27.06
N ILE B 12 -26.22 11.59 25.91
CA ILE B 12 -26.20 10.13 25.92
C ILE B 12 -24.79 9.60 26.23
N CYS B 13 -23.74 10.29 25.77
CA CYS B 13 -22.37 9.83 26.00
C CYS B 13 -21.48 11.02 26.32
N ARG B 14 -20.66 10.88 27.35
CA ARG B 14 -19.80 11.97 27.78
C ARG B 14 -18.64 12.19 26.82
N ASP B 15 -18.11 11.11 26.23
CA ASP B 15 -16.90 11.20 25.42
C ASP B 15 -16.84 9.99 24.50
N VAL B 16 -17.15 10.21 23.21
CA VAL B 16 -17.05 9.15 22.22
C VAL B 16 -15.61 8.74 21.96
N ALA B 17 -14.64 9.51 22.42
CA ALA B 17 -13.22 9.21 22.22
C ALA B 17 -12.62 8.43 23.38
N ARG B 18 -13.39 8.16 24.43
CA ARG B 18 -12.94 7.34 25.56
C ARG B 18 -11.62 7.84 26.15
N GLY B 19 -11.46 9.15 26.19
CA GLY B 19 -10.31 9.76 26.82
C GLY B 19 -9.03 9.75 26.01
N TYR B 20 -9.10 9.46 24.71
CA TYR B 20 -7.89 9.42 23.89
C TYR B 20 -7.47 10.80 23.40
N GLU B 21 -8.35 11.78 23.40
CA GLU B 21 -8.04 13.11 22.95
C GLU B 21 -7.72 14.03 24.13
N ASN B 22 -7.24 15.23 23.81
CA ASN B 22 -7.00 16.23 24.85
C ASN B 22 -8.29 16.62 25.56
N VAL B 23 -9.42 16.56 24.86
CA VAL B 23 -10.71 17.01 25.39
C VAL B 23 -11.73 15.90 25.22
N PRO B 24 -12.76 15.84 26.06
CA PRO B 24 -13.89 14.93 25.77
C PRO B 24 -14.66 15.42 24.56
N ILE B 25 -15.28 14.47 23.86
CA ILE B 25 -16.16 14.78 22.74
C ILE B 25 -17.53 14.16 23.02
N PRO B 26 -18.45 14.90 23.63
CA PRO B 26 -19.75 14.32 23.97
C PRO B 26 -20.65 14.13 22.76
N CYS B 27 -21.66 13.26 22.94
CA CYS B 27 -22.63 12.95 21.89
C CYS B 27 -24.03 13.12 22.46
N VAL B 28 -24.88 13.84 21.73
CA VAL B 28 -26.26 14.06 22.14
C VAL B 28 -27.18 13.75 20.96
N ASN B 29 -28.44 13.46 21.28
CA ASN B 29 -29.47 13.24 20.28
C ASN B 29 -30.74 13.91 20.78
N GLY B 30 -31.14 15.00 20.13
CA GLY B 30 -32.37 15.68 20.48
C GLY B 30 -33.36 15.68 19.34
N VAL B 31 -33.24 14.71 18.43
CA VAL B 31 -34.04 14.70 17.21
C VAL B 31 -34.88 13.43 17.14
N ASP B 32 -34.23 12.27 17.17
CA ASP B 32 -34.94 10.99 17.07
C ASP B 32 -34.45 10.07 18.18
N GLY B 33 -34.62 8.77 17.97
CA GLY B 33 -34.28 7.76 18.95
C GLY B 33 -33.01 6.98 18.68
N GLU B 34 -32.18 7.41 17.74
CA GLU B 34 -30.96 6.69 17.44
C GLU B 34 -29.95 6.86 18.58
N PRO B 35 -29.41 5.78 19.13
CA PRO B 35 -28.33 5.92 20.11
C PRO B 35 -27.05 6.37 19.44
N CYS B 36 -26.14 6.89 20.25
CA CYS B 36 -24.85 7.34 19.73
C CYS B 36 -24.18 6.19 18.97
N PRO B 37 -23.58 6.45 17.82
CA PRO B 37 -23.18 5.35 16.93
C PRO B 37 -22.13 4.45 17.55
N GLU B 38 -22.25 3.15 17.29
CA GLU B 38 -21.30 2.16 17.76
C GLU B 38 -20.85 1.22 16.64
N ASP B 39 -21.22 1.50 15.39
CA ASP B 39 -20.87 0.66 14.25
C ASP B 39 -19.49 0.96 13.69
N TYR B 40 -18.53 1.29 14.56
CA TYR B 40 -17.18 1.64 14.15
C TYR B 40 -16.29 1.63 15.39
N LYS B 41 -14.99 1.70 15.15
CA LYS B 41 -13.98 1.75 16.20
C LYS B 41 -13.38 3.15 16.23
N TYR B 42 -13.52 3.83 17.36
CA TYR B 42 -12.89 5.15 17.49
C TYR B 42 -11.40 4.98 17.73
N ILE B 43 -10.60 5.68 16.92
CA ILE B 43 -9.16 5.74 17.09
C ILE B 43 -8.73 7.19 16.94
N SER B 44 -7.79 7.62 17.78
CA SER B 44 -7.33 9.00 17.74
C SER B 44 -6.24 9.24 16.69
N GLU B 45 -5.57 8.19 16.25
CA GLU B 45 -4.51 8.29 15.25
C GLU B 45 -4.73 7.24 14.17
N ASN B 46 -4.15 7.51 13.00
CA ASN B 46 -4.31 6.62 11.86
C ASN B 46 -3.82 5.22 12.18
N CYS B 47 -4.44 4.22 11.54
CA CYS B 47 -4.13 2.82 11.77
C CYS B 47 -3.81 2.16 10.44
N GLU B 48 -3.27 0.95 10.54
CA GLU B 48 -2.94 0.13 9.38
C GLU B 48 -3.54 -1.26 9.56
N THR B 49 -4.14 -1.79 8.50
CA THR B 49 -4.63 -3.16 8.47
C THR B 49 -3.82 -4.03 7.51
N SER B 50 -2.76 -3.47 6.92
CA SER B 50 -1.87 -4.13 5.99
C SER B 50 -0.67 -3.20 5.77
N THR B 51 0.47 -3.81 5.45
CA THR B 51 1.73 -3.06 5.40
C THR B 51 1.64 -1.90 4.40
N MET B 52 1.98 -0.70 4.89
CA MET B 52 2.08 0.48 4.04
C MET B 52 3.53 0.86 3.76
N ASN B 53 4.48 0.32 4.51
CA ASN B 53 5.91 0.60 4.34
C ASN B 53 6.18 2.11 4.36
N ILE B 54 5.59 2.78 5.33
CA ILE B 54 5.84 4.21 5.52
C ILE B 54 7.29 4.39 5.95
N ASP B 55 7.99 5.29 5.25
CA ASP B 55 9.41 5.53 5.53
C ASP B 55 9.52 6.35 6.81
N ARG B 56 9.78 5.67 7.93
CA ARG B 56 9.96 6.31 9.21
C ARG B 56 11.43 6.43 9.61
N ASN B 57 12.33 6.43 8.62
CA ASN B 57 13.75 6.55 8.87
C ASN B 57 14.06 7.95 9.38
N ILE B 58 14.59 8.04 10.61
CA ILE B 58 14.79 9.34 11.24
C ILE B 58 15.84 10.16 10.49
N THR B 59 16.81 9.51 9.86
CA THR B 59 17.83 10.23 9.12
C THR B 59 17.28 10.83 7.82
N HIS B 60 16.12 10.37 7.37
CA HIS B 60 15.48 10.90 6.18
C HIS B 60 14.63 12.13 6.47
N LEU B 61 14.68 12.65 7.69
CA LEU B 61 13.84 13.78 8.07
C LEU B 61 14.56 15.09 7.79
N GLN B 62 13.90 15.98 7.04
CA GLN B 62 14.34 17.36 6.97
C GLN B 62 13.98 18.07 8.27
N HIS B 63 14.95 18.73 8.88
CA HIS B 63 14.78 19.31 10.19
C HIS B 63 15.52 20.64 10.26
N CYS B 64 15.20 21.42 11.29
CA CYS B 64 15.78 22.74 11.50
C CYS B 64 16.89 22.68 12.55
N THR B 65 17.64 23.78 12.64
CA THR B 65 18.70 23.95 13.62
C THR B 65 18.37 25.09 14.57
N CYS B 66 17.08 25.22 14.90
CA CYS B 66 16.61 26.33 15.70
C CYS B 66 16.75 26.06 17.19
N VAL B 67 17.30 27.04 17.90
CA VAL B 67 17.29 27.03 19.36
C VAL B 67 16.06 27.73 19.92
N ASP B 68 15.43 28.61 19.13
CA ASP B 68 14.25 29.37 19.53
C ASP B 68 12.97 28.56 19.64
N ASP B 69 11.84 29.22 19.41
CA ASP B 69 10.55 28.58 19.18
C ASP B 69 10.20 28.56 17.69
N CYS B 70 11.20 28.71 16.82
CA CYS B 70 11.02 28.69 15.36
C CYS B 70 10.09 29.80 14.89
N SER B 71 10.25 30.99 15.47
CA SER B 71 9.59 32.18 14.97
C SER B 71 10.38 32.88 13.87
N SER B 72 11.63 32.46 13.64
CA SER B 72 12.56 33.18 12.79
C SER B 72 12.41 32.77 11.33
N SER B 73 12.93 33.63 10.46
CA SER B 73 12.87 33.41 9.02
C SER B 73 13.80 32.31 8.53
N ASN B 74 14.62 31.73 9.41
CA ASN B 74 15.62 30.74 9.00
C ASN B 74 15.25 29.33 9.43
N CYS B 75 14.09 29.12 10.03
CA CYS B 75 13.67 27.76 10.37
C CYS B 75 13.36 27.01 9.08
N LEU B 76 14.17 25.99 8.79
CA LEU B 76 14.02 25.27 7.53
C LEU B 76 12.63 24.67 7.41
N CYS B 77 12.04 24.24 8.53
CA CYS B 77 10.73 23.60 8.50
C CYS B 77 9.66 24.55 7.98
N GLY B 78 9.67 25.80 8.45
CA GLY B 78 8.80 26.79 7.85
C GLY B 78 9.13 27.05 6.39
N GLN B 79 10.42 27.05 6.06
CA GLN B 79 10.84 27.28 4.68
C GLN B 79 10.29 26.20 3.75
N LEU B 80 10.19 24.96 4.23
CA LEU B 80 9.58 23.90 3.43
C LEU B 80 8.13 24.22 3.10
N SER B 81 7.42 24.87 4.04
CA SER B 81 6.04 25.30 3.82
C SER B 81 5.97 26.68 3.17
N ILE B 82 6.99 27.05 2.38
CA ILE B 82 7.22 28.40 1.87
C ILE B 82 7.55 29.32 3.04
N ARG B 83 6.75 29.25 4.09
CA ARG B 83 6.90 30.03 5.31
C ARG B 83 6.00 29.39 6.36
N CYS B 84 6.29 29.66 7.63
CA CYS B 84 5.49 29.11 8.71
C CYS B 84 4.17 29.87 8.81
N TRP B 85 3.07 29.19 8.52
CA TRP B 85 1.77 29.83 8.43
C TRP B 85 1.03 29.90 9.76
N TYR B 86 1.63 29.44 10.85
CA TYR B 86 1.05 29.60 12.17
C TYR B 86 1.47 30.93 12.77
N ASP B 87 0.57 31.54 13.53
CA ASP B 87 0.86 32.80 14.19
C ASP B 87 1.29 32.53 15.64
N LYS B 88 1.23 33.56 16.49
CA LYS B 88 1.65 33.42 17.88
C LYS B 88 0.77 32.41 18.62
N ASP B 89 -0.49 32.29 18.25
CA ASP B 89 -1.45 31.44 18.94
C ASP B 89 -1.77 30.16 18.18
N GLY B 90 -0.97 29.81 17.18
CA GLY B 90 -1.18 28.57 16.46
C GLY B 90 -2.30 28.59 15.45
N ARG B 91 -2.75 29.76 15.04
CA ARG B 91 -3.79 29.89 14.02
C ARG B 91 -3.18 30.29 12.70
N LEU B 92 -3.72 29.74 11.60
CA LEU B 92 -3.21 30.07 10.28
C LEU B 92 -3.35 31.56 10.00
N LEU B 93 -2.41 32.09 9.23
CA LEU B 93 -2.48 33.48 8.83
C LEU B 93 -3.57 33.68 7.78
N GLN B 94 -3.92 34.94 7.53
CA GLN B 94 -4.93 35.23 6.52
C GLN B 94 -4.38 35.02 5.12
N GLU B 95 -3.08 35.22 4.92
CA GLU B 95 -2.46 34.95 3.62
C GLU B 95 -2.54 33.49 3.23
N PHE B 96 -2.91 32.60 4.15
CA PHE B 96 -3.02 31.19 3.85
C PHE B 96 -3.97 30.96 2.69
N ASN B 97 -3.51 30.22 1.70
CA ASN B 97 -4.30 29.94 0.50
C ASN B 97 -5.39 28.93 0.85
N LYS B 98 -6.62 29.43 1.05
CA LYS B 98 -7.72 28.53 1.35
C LYS B 98 -8.13 27.71 0.14
N ILE B 99 -7.86 28.19 -1.07
CA ILE B 99 -8.38 27.53 -2.27
C ILE B 99 -7.51 26.33 -2.65
N GLU B 100 -6.19 26.46 -2.55
CA GLU B 100 -5.28 25.32 -2.69
C GLU B 100 -4.09 25.56 -1.77
N PRO B 101 -4.10 24.96 -0.58
CA PRO B 101 -3.12 25.32 0.45
C PRO B 101 -1.75 24.74 0.14
N PRO B 102 -0.71 25.22 0.80
CA PRO B 102 0.60 24.57 0.72
C PRO B 102 0.68 23.39 1.69
N LEU B 103 1.60 22.49 1.39
CA LEU B 103 1.92 21.43 2.34
C LEU B 103 2.62 22.04 3.55
N ILE B 104 2.18 21.65 4.74
CA ILE B 104 2.73 22.18 5.98
C ILE B 104 3.69 21.14 6.56
N PHE B 105 4.92 21.58 6.85
CA PHE B 105 5.94 20.73 7.44
C PHE B 105 6.18 21.20 8.88
N GLU B 106 5.57 20.51 9.83
CA GLU B 106 5.77 20.83 11.23
C GLU B 106 7.09 20.26 11.73
N CYS B 107 7.64 20.88 12.77
CA CYS B 107 8.89 20.42 13.34
C CYS B 107 8.73 19.00 13.87
N ASN B 108 9.85 18.27 13.89
CA ASN B 108 9.80 16.84 14.23
C ASN B 108 10.81 16.47 15.31
N GLN B 109 11.01 15.17 15.52
CA GLN B 109 11.90 14.69 16.56
C GLN B 109 13.37 14.89 16.22
N ALA B 110 13.70 15.09 14.95
CA ALA B 110 15.08 15.38 14.56
C ALA B 110 15.43 16.85 14.66
N CYS B 111 14.42 17.73 14.75
CA CYS B 111 14.67 19.15 14.93
C CYS B 111 15.33 19.40 16.28
N SER B 112 16.16 20.44 16.33
CA SER B 112 16.86 20.79 17.57
C SER B 112 16.00 21.62 18.52
N CYS B 113 14.85 22.11 18.06
CA CYS B 113 14.00 22.94 18.90
C CYS B 113 13.37 22.12 20.02
N TRP B 114 12.56 22.79 20.84
CA TRP B 114 11.85 22.13 21.93
C TRP B 114 10.47 21.67 21.46
N ARG B 115 9.89 20.75 22.24
CA ARG B 115 8.59 20.17 21.89
C ARG B 115 7.48 21.23 21.84
N ASN B 116 7.69 22.39 22.46
CA ASN B 116 6.67 23.42 22.52
C ASN B 116 6.98 24.61 21.62
N CYS B 117 7.66 24.38 20.50
CA CYS B 117 7.89 25.45 19.54
C CYS B 117 6.57 25.81 18.84
N LYS B 118 6.62 26.86 18.02
CA LYS B 118 5.43 27.41 17.40
C LYS B 118 5.04 26.69 16.11
N ASN B 119 5.77 25.65 15.72
CA ASN B 119 5.51 24.92 14.47
C ASN B 119 5.06 23.49 14.76
N ARG B 120 4.17 23.33 15.74
CA ARG B 120 3.72 22.00 16.17
C ARG B 120 2.25 22.04 16.57
N VAL B 121 1.42 22.64 15.70
CA VAL B 121 0.01 22.83 16.04
C VAL B 121 -0.77 21.54 15.89
N VAL B 122 -0.67 20.90 14.72
CA VAL B 122 -1.47 19.71 14.45
C VAL B 122 -1.06 18.55 15.35
N GLN B 123 0.24 18.43 15.62
CA GLN B 123 0.73 17.33 16.44
C GLN B 123 0.43 17.51 17.93
N SER B 124 -0.17 18.64 18.32
CA SER B 124 -0.56 18.85 19.70
C SER B 124 -1.99 18.42 20.00
N GLY B 125 -2.77 18.09 18.98
CA GLY B 125 -4.09 17.51 19.19
C GLY B 125 -5.22 18.51 19.25
N ILE B 126 -6.39 17.98 19.58
CA ILE B 126 -7.62 18.76 19.60
C ILE B 126 -7.61 19.70 20.79
N LYS B 127 -7.98 20.96 20.55
CA LYS B 127 -8.10 21.95 21.61
C LYS B 127 -9.51 22.54 21.74
N VAL B 128 -10.22 22.71 20.63
CA VAL B 128 -11.57 23.28 20.67
C VAL B 128 -12.55 22.21 21.15
N ARG B 129 -13.62 22.67 21.79
CA ARG B 129 -14.62 21.77 22.36
C ARG B 129 -15.72 21.53 21.32
N LEU B 130 -15.89 20.28 20.93
CA LEU B 130 -16.83 19.90 19.90
C LEU B 130 -17.88 18.94 20.46
N GLN B 131 -18.86 18.62 19.61
CA GLN B 131 -19.96 17.76 20.03
C GLN B 131 -20.48 17.00 18.82
N LEU B 132 -20.56 15.67 18.96
CA LEU B 132 -21.27 14.84 18.00
C LEU B 132 -22.77 14.94 18.30
N TYR B 133 -23.55 15.30 17.28
CA TYR B 133 -24.96 15.58 17.51
C TYR B 133 -25.80 15.08 16.34
N ARG B 134 -27.06 14.75 16.64
CA ARG B 134 -27.98 14.27 15.62
C ARG B 134 -28.56 15.45 14.87
N THR B 135 -28.29 15.52 13.57
CA THR B 135 -28.83 16.57 12.73
C THR B 135 -30.27 16.23 12.31
N ALA B 136 -30.94 17.22 11.73
CA ALA B 136 -32.34 17.03 11.35
C ALA B 136 -32.47 16.13 10.12
N LYS B 137 -31.58 16.29 9.14
CA LYS B 137 -31.74 15.63 7.86
C LYS B 137 -30.51 14.88 7.36
N MET B 138 -29.37 14.95 8.07
CA MET B 138 -28.13 14.37 7.57
C MET B 138 -27.56 13.33 8.55
N GLY B 139 -28.38 12.76 9.42
CA GLY B 139 -27.86 11.79 10.37
C GLY B 139 -27.04 12.48 11.44
N TRP B 140 -25.84 11.96 11.68
CA TRP B 140 -24.97 12.50 12.70
C TRP B 140 -24.08 13.60 12.14
N GLY B 141 -23.74 14.56 13.00
CA GLY B 141 -22.87 15.66 12.61
C GLY B 141 -22.08 16.14 13.81
N VAL B 142 -21.16 17.07 13.53
CA VAL B 142 -20.29 17.65 14.55
C VAL B 142 -20.49 19.16 14.54
N ARG B 143 -20.65 19.73 15.74
CA ARG B 143 -20.84 21.16 15.89
C ARG B 143 -19.99 21.66 17.05
N ALA B 144 -19.74 22.97 17.05
CA ALA B 144 -18.88 23.57 18.05
C ALA B 144 -19.66 23.87 19.32
N LEU B 145 -19.04 23.61 20.48
CA LEU B 145 -19.56 24.00 21.77
C LEU B 145 -18.93 25.32 22.25
N GLN B 146 -18.41 26.11 21.32
CA GLN B 146 -17.69 27.34 21.63
C GLN B 146 -17.53 28.10 20.32
N THR B 147 -17.10 29.35 20.44
CA THR B 147 -16.69 30.11 19.26
C THR B 147 -15.29 29.69 18.84
N ILE B 148 -15.06 29.72 17.53
CA ILE B 148 -13.79 29.25 16.98
C ILE B 148 -13.22 30.30 16.03
N PRO B 149 -12.13 30.97 16.40
CA PRO B 149 -11.55 31.97 15.49
C PRO B 149 -11.06 31.34 14.20
N GLN B 150 -10.99 32.16 13.16
CA GLN B 150 -10.53 31.70 11.86
C GLN B 150 -9.11 31.17 11.95
N GLY B 151 -8.84 30.10 11.19
CA GLY B 151 -7.52 29.51 11.17
C GLY B 151 -7.20 28.59 12.33
N THR B 152 -8.17 28.31 13.21
CA THR B 152 -7.95 27.41 14.32
C THR B 152 -7.92 25.96 13.85
N PHE B 153 -7.00 25.18 14.41
CA PHE B 153 -7.00 23.75 14.14
C PHE B 153 -8.18 23.10 14.83
N ILE B 154 -8.91 22.27 14.10
CA ILE B 154 -10.11 21.62 14.62
C ILE B 154 -9.78 20.19 15.00
N CYS B 155 -9.53 19.36 13.99
CA CYS B 155 -9.22 17.95 14.21
CA CYS B 155 -9.21 17.95 14.22
C CYS B 155 -8.57 17.39 12.95
N GLU B 156 -8.00 16.21 13.08
CA GLU B 156 -7.39 15.51 11.97
C GLU B 156 -8.34 14.46 11.42
N TYR B 157 -8.37 14.30 10.11
CA TYR B 157 -9.15 13.22 9.51
C TYR B 157 -8.39 11.91 9.71
N VAL B 158 -8.87 11.11 10.65
CA VAL B 158 -8.19 9.91 11.10
C VAL B 158 -8.96 8.68 10.64
N GLY B 159 -8.24 7.67 10.18
CA GLY B 159 -8.86 6.43 9.76
C GLY B 159 -7.88 5.35 9.37
N GLU B 160 -8.31 4.45 8.48
CA GLU B 160 -7.52 3.31 8.06
C GLU B 160 -6.81 3.64 6.76
N LEU B 161 -5.49 3.52 6.76
CA LEU B 161 -4.71 3.74 5.54
C LEU B 161 -4.88 2.54 4.61
N ILE B 162 -5.34 2.80 3.38
CA ILE B 162 -5.53 1.75 2.39
C ILE B 162 -5.04 2.26 1.03
N SER B 163 -4.72 1.32 0.16
CA SER B 163 -4.43 1.65 -1.23
C SER B 163 -5.74 1.88 -1.99
N ASP B 164 -5.64 2.58 -3.11
CA ASP B 164 -6.81 2.77 -3.96
C ASP B 164 -7.27 1.46 -4.58
N ALA B 165 -6.38 0.48 -4.71
CA ALA B 165 -6.79 -0.86 -5.11
C ALA B 165 -7.73 -1.45 -4.08
N GLU B 166 -7.38 -1.32 -2.79
CA GLU B 166 -8.29 -1.76 -1.73
C GLU B 166 -9.54 -0.89 -1.69
N ALA B 167 -9.39 0.41 -1.96
CA ALA B 167 -10.56 1.28 -1.99
C ALA B 167 -11.53 0.88 -3.10
N ASP B 168 -11.01 0.35 -4.21
CA ASP B 168 -11.86 -0.05 -5.32
C ASP B 168 -12.66 -1.31 -5.04
N VAL B 169 -12.28 -2.09 -4.02
CA VAL B 169 -12.98 -3.33 -3.69
C VAL B 169 -13.93 -3.16 -2.50
N ARG B 170 -14.04 -1.96 -1.94
CA ARG B 170 -14.80 -1.74 -0.72
C ARG B 170 -16.19 -1.25 -1.05
N GLU B 171 -17.19 -1.84 -0.40
CA GLU B 171 -18.58 -1.53 -0.70
C GLU B 171 -18.92 -0.09 -0.33
N ASP B 172 -18.62 0.30 0.91
CA ASP B 172 -19.05 1.58 1.46
C ASP B 172 -17.93 2.60 1.28
N ASP B 173 -18.12 3.53 0.34
CA ASP B 173 -17.15 4.57 0.04
C ASP B 173 -17.53 5.92 0.63
N SER B 174 -18.40 5.94 1.62
CA SER B 174 -18.90 7.19 2.19
C SER B 174 -17.95 7.83 3.19
N TYR B 175 -16.84 7.17 3.52
CA TYR B 175 -15.89 7.67 4.51
C TYR B 175 -14.47 7.73 3.97
N LEU B 176 -14.30 7.76 2.66
CA LEU B 176 -12.99 7.77 2.03
C LEU B 176 -12.49 9.19 1.82
N PHE B 177 -11.22 9.42 2.11
CA PHE B 177 -10.55 10.71 1.89
C PHE B 177 -9.35 10.48 0.99
N ASP B 178 -9.36 11.09 -0.20
CA ASP B 178 -8.27 10.92 -1.15
C ASP B 178 -7.04 11.69 -0.68
N LEU B 179 -5.88 11.03 -0.76
CA LEU B 179 -4.58 11.69 -0.55
C LEU B 179 -3.97 11.93 -1.93
N ASP B 180 -4.49 12.94 -2.62
CA ASP B 180 -4.18 13.24 -4.02
C ASP B 180 -3.96 11.98 -4.86
N GLY B 184 2.39 10.10 -8.02
CA GLY B 184 3.01 8.87 -7.51
C GLY B 184 1.96 7.89 -7.01
N GLU B 185 2.33 6.96 -6.11
CA GLU B 185 1.37 5.96 -5.61
C GLU B 185 0.21 6.70 -4.94
N VAL B 186 -1.01 6.32 -5.25
CA VAL B 186 -2.18 7.04 -4.70
C VAL B 186 -2.71 6.25 -3.52
N TYR B 187 -3.10 6.99 -2.49
CA TYR B 187 -3.58 6.38 -1.26
C TYR B 187 -4.74 7.20 -0.72
N CYS B 188 -5.46 6.62 0.23
CA CYS B 188 -6.62 7.29 0.83
C CYS B 188 -6.72 6.90 2.29
N ILE B 189 -7.63 7.58 2.98
CA ILE B 189 -7.98 7.27 4.36
C ILE B 189 -9.44 6.82 4.38
N ASP B 190 -9.70 5.65 4.98
CA ASP B 190 -11.04 5.11 5.09
C ASP B 190 -11.45 5.12 6.55
N ALA B 191 -12.50 5.89 6.87
CA ALA B 191 -13.00 6.04 8.23
C ALA B 191 -14.23 5.18 8.50
N ARG B 192 -14.57 4.25 7.60
CA ARG B 192 -15.78 3.46 7.78
C ARG B 192 -15.66 2.56 9.00
N TYR B 193 -14.55 1.84 9.12
CA TYR B 193 -14.35 0.89 10.22
C TYR B 193 -13.55 1.47 11.37
N TYR B 194 -12.55 2.29 11.08
CA TYR B 194 -11.74 2.94 12.11
C TYR B 194 -11.69 4.43 11.79
N GLY B 195 -11.97 5.26 12.78
CA GLY B 195 -11.94 6.70 12.57
C GLY B 195 -12.13 7.44 13.87
N ASN B 196 -12.02 8.76 13.78
CA ASN B 196 -12.23 9.64 14.92
C ASN B 196 -13.47 10.51 14.68
N ILE B 197 -13.53 11.66 15.36
CA ILE B 197 -14.67 12.55 15.28
C ILE B 197 -14.86 13.11 13.88
N SER B 198 -13.81 13.12 13.06
CA SER B 198 -13.91 13.72 11.73
CA SER B 198 -13.91 13.71 11.73
C SER B 198 -14.82 12.89 10.81
N ARG B 199 -14.97 11.60 11.08
CA ARG B 199 -15.80 10.76 10.23
C ARG B 199 -17.28 11.15 10.28
N PHE B 200 -17.66 12.06 11.18
CA PHE B 200 -19.03 12.52 11.30
C PHE B 200 -19.24 13.93 10.76
N ILE B 201 -18.22 14.53 10.16
CA ILE B 201 -18.35 15.87 9.61
C ILE B 201 -19.02 15.79 8.24
N ASN B 202 -20.13 16.50 8.09
CA ASN B 202 -20.92 16.45 6.87
C ASN B 202 -20.42 17.47 5.85
N HIS B 203 -20.94 17.35 4.62
CA HIS B 203 -20.62 18.31 3.57
C HIS B 203 -21.48 19.55 3.70
N LEU B 204 -20.87 20.71 3.49
CA LEU B 204 -21.57 21.97 3.43
C LEU B 204 -21.19 22.68 2.15
N CYS B 205 -22.20 23.11 1.39
CA CYS B 205 -21.93 23.94 0.21
C CYS B 205 -21.37 25.29 0.59
N ASP B 206 -21.58 25.72 1.85
CA ASP B 206 -20.97 26.93 2.41
C ASP B 206 -20.11 26.49 3.59
N PRO B 207 -18.90 26.00 3.33
CA PRO B 207 -18.11 25.37 4.39
C PRO B 207 -17.45 26.38 5.30
N ASN B 208 -17.08 25.90 6.49
CA ASN B 208 -16.37 26.71 7.47
C ASN B 208 -15.05 26.10 7.92
N ILE B 209 -14.68 24.92 7.41
CA ILE B 209 -13.39 24.32 7.67
C ILE B 209 -12.79 23.86 6.34
N ILE B 210 -11.47 23.79 6.29
CA ILE B 210 -10.78 23.36 5.08
C ILE B 210 -9.72 22.32 5.42
N PRO B 211 -9.53 21.30 4.59
CA PRO B 211 -8.47 20.32 4.85
C PRO B 211 -7.11 20.83 4.36
N VAL B 212 -6.08 20.54 5.14
CA VAL B 212 -4.71 20.89 4.82
C VAL B 212 -3.84 19.66 5.01
N ARG B 213 -2.91 19.43 4.09
CA ARG B 213 -1.99 18.31 4.16
C ARG B 213 -0.77 18.69 4.98
N VAL B 214 -0.49 17.92 6.03
CA VAL B 214 0.53 18.23 7.01
C VAL B 214 1.47 17.04 7.16
N PHE B 215 2.72 17.32 7.49
CA PHE B 215 3.71 16.30 7.79
C PHE B 215 4.33 16.59 9.16
N MET B 216 4.50 15.53 9.96
CA MET B 216 4.98 15.71 11.33
C MET B 216 6.09 14.73 11.67
N LEU B 217 5.74 13.56 12.21
CA LEU B 217 6.76 12.62 12.66
C LEU B 217 7.47 11.92 11.51
N HIS B 218 6.92 11.97 10.31
CA HIS B 218 7.58 11.43 9.12
C HIS B 218 7.32 12.38 7.97
N GLN B 219 8.08 12.19 6.89
CA GLN B 219 7.93 13.02 5.69
C GLN B 219 7.79 12.15 4.45
N ASP B 220 7.22 10.96 4.59
CA ASP B 220 6.86 10.11 3.46
C ASP B 220 5.74 10.80 2.69
N LEU B 221 6.08 11.39 1.55
CA LEU B 221 5.13 12.23 0.81
C LEU B 221 3.95 11.43 0.25
N ARG B 222 3.99 10.10 0.28
CA ARG B 222 2.83 9.32 -0.12
C ARG B 222 1.72 9.37 0.93
N PHE B 223 2.04 9.76 2.16
CA PHE B 223 1.10 9.69 3.28
C PHE B 223 1.05 11.02 4.02
N PRO B 224 0.45 12.04 3.42
CA PRO B 224 0.17 13.26 4.19
C PRO B 224 -0.96 13.01 5.17
N ARG B 225 -0.95 13.78 6.25
CA ARG B 225 -2.03 13.73 7.23
C ARG B 225 -2.94 14.93 7.04
N ILE B 226 -4.25 14.70 7.13
CA ILE B 226 -5.25 15.68 6.78
C ILE B 226 -5.67 16.43 8.04
N ALA B 227 -5.43 17.74 8.07
CA ALA B 227 -5.78 18.59 9.20
C ALA B 227 -6.87 19.56 8.79
N PHE B 228 -7.94 19.61 9.56
CA PHE B 228 -9.03 20.55 9.33
C PHE B 228 -8.76 21.83 10.11
N PHE B 229 -8.69 22.95 9.41
CA PHE B 229 -8.62 24.27 10.00
C PHE B 229 -9.89 25.03 9.64
N SER B 230 -10.36 25.85 10.57
CA SER B 230 -11.49 26.72 10.28
C SER B 230 -11.12 27.73 9.21
N SER B 231 -11.89 27.78 8.13
CA SER B 231 -11.67 28.74 7.07
C SER B 231 -12.25 30.11 7.38
N ARG B 232 -13.01 30.22 8.46
CA ARG B 232 -13.61 31.49 8.88
C ARG B 232 -14.01 31.34 10.35
N ASP B 233 -14.57 32.40 10.91
CA ASP B 233 -15.02 32.35 12.29
C ASP B 233 -16.30 31.54 12.41
N ILE B 234 -16.41 30.81 13.51
CA ILE B 234 -17.50 29.85 13.73
C ILE B 234 -18.12 30.12 15.09
N ARG B 235 -19.45 30.17 15.13
CA ARG B 235 -20.18 30.47 16.35
C ARG B 235 -20.50 29.19 17.12
N THR B 236 -20.83 29.37 18.40
CA THR B 236 -21.23 28.24 19.23
C THR B 236 -22.49 27.59 18.67
N GLY B 237 -22.51 26.26 18.66
CA GLY B 237 -23.62 25.52 18.13
C GLY B 237 -23.68 25.42 16.62
N GLU B 238 -22.79 26.08 15.90
CA GLU B 238 -22.76 26.01 14.45
C GLU B 238 -22.09 24.72 14.00
N GLU B 239 -22.70 24.07 13.01
CA GLU B 239 -22.21 22.79 12.52
C GLU B 239 -20.97 22.98 11.66
N LEU B 240 -20.01 22.08 11.82
CA LEU B 240 -18.82 22.08 10.98
C LEU B 240 -19.07 21.33 9.68
N GLY B 241 -18.48 21.83 8.60
CA GLY B 241 -18.61 21.18 7.31
C GLY B 241 -17.56 21.68 6.35
N PHE B 242 -17.10 20.77 5.49
CA PHE B 242 -16.17 21.10 4.43
C PHE B 242 -16.73 20.63 3.10
N ASP B 243 -16.15 21.13 2.01
CA ASP B 243 -16.61 20.79 0.66
C ASP B 243 -16.10 19.39 0.31
N TYR B 244 -17.03 18.44 0.18
CA TYR B 244 -16.66 17.07 -0.17
C TYR B 244 -16.02 16.97 -1.55
N GLY B 245 -16.28 17.93 -2.43
CA GLY B 245 -15.76 17.88 -3.78
C GLY B 245 -16.71 17.21 -4.75
N ASP B 246 -16.37 17.34 -6.04
CA ASP B 246 -17.24 16.82 -7.09
C ASP B 246 -17.21 15.29 -7.15
N ARG B 247 -16.10 14.67 -6.76
CA ARG B 247 -15.99 13.21 -6.84
C ARG B 247 -17.06 12.53 -5.99
N PHE B 248 -17.25 13.02 -4.76
CA PHE B 248 -18.28 12.45 -3.90
C PHE B 248 -19.67 12.61 -4.51
N TRP B 249 -19.96 13.79 -5.06
CA TRP B 249 -21.32 14.09 -5.47
C TRP B 249 -21.66 13.52 -6.84
N ASP B 250 -20.67 13.29 -7.70
CA ASP B 250 -20.94 12.59 -8.96
C ASP B 250 -21.35 11.15 -8.71
N ILE B 251 -20.84 10.54 -7.65
CA ILE B 251 -21.19 9.16 -7.33
C ILE B 251 -22.50 9.09 -6.57
N LYS B 252 -22.70 9.99 -5.61
CA LYS B 252 -23.75 9.84 -4.62
C LYS B 252 -25.04 10.55 -4.96
N SER B 253 -25.06 11.39 -6.00
CA SER B 253 -26.28 12.14 -6.33
C SER B 253 -27.45 11.21 -6.64
N LYS B 254 -27.18 10.03 -7.18
CA LYS B 254 -28.25 9.12 -7.55
C LYS B 254 -29.02 8.61 -6.34
N TYR B 255 -28.35 8.53 -5.18
CA TYR B 255 -28.94 7.96 -3.98
C TYR B 255 -29.53 9.00 -3.04
N PHE B 256 -28.95 10.19 -3.00
CA PHE B 256 -29.43 11.27 -2.14
C PHE B 256 -28.84 12.58 -2.62
N THR B 257 -29.48 13.68 -2.24
CA THR B 257 -29.01 15.01 -2.55
C THR B 257 -28.69 15.75 -1.26
N CYS B 258 -28.09 16.93 -1.41
CA CYS B 258 -27.61 17.68 -0.26
C CYS B 258 -28.77 18.22 0.58
N GLN B 259 -28.56 18.26 1.89
CA GLN B 259 -29.53 18.77 2.85
C GLN B 259 -28.96 19.89 3.70
N CYS B 260 -27.88 20.53 3.25
CA CYS B 260 -27.20 21.53 4.07
C CYS B 260 -28.08 22.74 4.36
N GLY B 261 -29.14 22.95 3.59
CA GLY B 261 -30.10 24.01 3.86
C GLY B 261 -29.65 25.40 3.51
N SER B 262 -28.36 25.63 3.33
CA SER B 262 -27.89 26.94 2.88
C SER B 262 -28.44 27.24 1.49
N GLU B 263 -28.92 28.46 1.30
CA GLU B 263 -29.41 28.86 -0.01
C GLU B 263 -28.28 29.16 -1.00
N LYS B 264 -27.06 28.76 -0.66
CA LYS B 264 -25.95 28.67 -1.60
C LYS B 264 -25.75 27.25 -2.09
N CYS B 265 -26.67 26.34 -1.75
CA CYS B 265 -26.47 24.92 -2.00
C CYS B 265 -26.29 24.65 -3.49
N LYS B 266 -25.39 23.71 -3.79
CA LYS B 266 -25.00 23.40 -5.16
C LYS B 266 -25.35 21.98 -5.57
N HIS B 267 -25.69 21.10 -4.61
CA HIS B 267 -25.99 19.71 -4.93
C HIS B 267 -27.31 19.24 -4.34
N SER B 268 -28.22 20.15 -4.03
CA SER B 268 -29.55 19.74 -3.60
C SER B 268 -30.35 19.24 -4.81
N ALA B 269 -31.51 18.65 -4.52
CA ALA B 269 -32.39 18.20 -5.59
C ALA B 269 -32.80 19.36 -6.47
N GLU B 270 -33.13 20.50 -5.87
CA GLU B 270 -33.45 21.70 -6.64
C GLU B 270 -32.24 22.20 -7.42
N ALA B 271 -31.07 22.21 -6.78
CA ALA B 271 -29.87 22.76 -7.42
C ALA B 271 -29.50 21.97 -8.66
N ILE B 272 -29.53 20.64 -8.57
CA ILE B 272 -29.16 19.81 -9.72
C ILE B 272 -30.23 19.91 -10.80
N ALA B 273 -31.50 19.99 -10.41
CA ALA B 273 -32.57 20.11 -11.39
C ALA B 273 -32.56 21.48 -12.06
N LEU B 274 -32.11 22.52 -11.35
CA LEU B 274 -32.03 23.84 -11.95
C LEU B 274 -30.85 23.97 -12.91
N GLU B 275 -29.90 23.04 -12.85
CA GLU B 275 -28.71 23.10 -13.69
C GLU B 275 -28.83 22.29 -14.96
N GLN B 276 -29.41 21.09 -14.87
CA GLN B 276 -29.52 20.19 -16.02
C GLN B 276 -30.63 20.63 -16.97
N SER B 277 -30.89 21.93 -17.05
CA SER B 277 -31.89 22.47 -17.95
C SER B 277 -31.69 23.98 -18.12
N THR C 8 24.28 5.18 5.90
CA THR C 8 23.10 4.46 6.36
C THR C 8 22.17 4.17 5.19
N GLU C 9 21.02 3.56 5.48
CA GLU C 9 20.15 3.02 4.44
C GLU C 9 19.42 4.15 3.72
N LYS C 10 19.56 4.20 2.41
CA LYS C 10 18.88 5.18 1.57
C LYS C 10 17.89 4.47 0.65
N ILE C 11 16.77 5.13 0.39
CA ILE C 11 15.79 4.65 -0.57
C ILE C 11 16.11 5.25 -1.93
N ILE C 12 16.46 4.40 -2.89
CA ILE C 12 16.95 4.86 -4.19
C ILE C 12 15.90 4.76 -5.28
N CYS C 13 14.91 3.87 -5.15
CA CYS C 13 13.83 3.77 -6.11
C CYS C 13 12.54 3.43 -5.39
N ARG C 14 11.47 4.17 -5.68
CA ARG C 14 10.18 3.87 -5.06
C ARG C 14 9.58 2.59 -5.60
N ASP C 15 9.88 2.25 -6.85
CA ASP C 15 9.25 1.09 -7.50
C ASP C 15 10.08 0.75 -8.73
N VAL C 16 10.89 -0.30 -8.63
CA VAL C 16 11.68 -0.75 -9.77
C VAL C 16 10.79 -1.34 -10.86
N ALA C 17 9.56 -1.73 -10.51
CA ALA C 17 8.62 -2.21 -11.52
C ALA C 17 7.90 -1.08 -12.23
N ARG C 18 8.09 0.17 -11.78
CA ARG C 18 7.52 1.35 -12.42
C ARG C 18 6.00 1.21 -12.62
N GLY C 19 5.33 0.64 -11.63
CA GLY C 19 3.88 0.57 -11.63
C GLY C 19 3.28 -0.57 -12.40
N TYR C 20 4.07 -1.56 -12.82
CA TYR C 20 3.55 -2.68 -13.60
C TYR C 20 2.99 -3.80 -12.74
N GLU C 21 3.41 -3.90 -11.48
CA GLU C 21 2.89 -4.92 -10.59
C GLU C 21 1.72 -4.37 -9.79
N ASN C 22 1.02 -5.27 -9.08
CA ASN C 22 -0.08 -4.84 -8.23
C ASN C 22 0.42 -3.93 -7.12
N VAL C 23 1.66 -4.12 -6.68
CA VAL C 23 2.22 -3.36 -5.56
C VAL C 23 3.55 -2.77 -5.99
N PRO C 24 3.97 -1.68 -5.36
CA PRO C 24 5.32 -1.16 -5.62
C PRO C 24 6.39 -2.06 -5.01
N ILE C 25 7.54 -2.09 -5.68
CA ILE C 25 8.69 -2.84 -5.21
C ILE C 25 9.87 -1.86 -5.10
N PRO C 26 10.14 -1.34 -3.91
CA PRO C 26 11.20 -0.34 -3.77
C PRO C 26 12.59 -0.97 -3.67
N CYS C 27 13.59 -0.14 -3.90
CA CYS C 27 14.99 -0.54 -3.83
C CYS C 27 15.71 0.35 -2.83
N VAL C 28 16.39 -0.28 -1.87
CA VAL C 28 17.15 0.43 -0.85
C VAL C 28 18.58 -0.10 -0.85
N ASN C 29 19.47 0.67 -0.21
CA ASN C 29 20.87 0.27 -0.08
C ASN C 29 21.42 0.89 1.20
N GLY C 30 21.75 0.04 2.17
CA GLY C 30 22.37 0.49 3.40
C GLY C 30 23.71 -0.15 3.63
N VAL C 31 24.33 -0.64 2.54
CA VAL C 31 25.57 -1.38 2.61
C VAL C 31 26.71 -0.63 1.93
N ASP C 32 26.50 -0.18 0.70
CA ASP C 32 27.56 0.46 -0.07
C ASP C 32 26.97 1.58 -0.92
N GLY C 33 27.66 1.92 -2.00
CA GLY C 33 27.25 3.02 -2.85
C GLY C 33 26.83 2.60 -4.23
N GLU C 34 26.54 1.32 -4.42
CA GLU C 34 26.04 0.84 -5.69
C GLU C 34 24.65 1.41 -5.94
N PRO C 35 24.42 2.12 -7.04
CA PRO C 35 23.08 2.62 -7.33
C PRO C 35 22.16 1.49 -7.77
N CYS C 36 20.88 1.84 -7.94
CA CYS C 36 19.87 0.87 -8.32
C CYS C 36 20.25 0.22 -9.64
N PRO C 37 20.14 -1.10 -9.76
CA PRO C 37 20.58 -1.77 -10.99
C PRO C 37 19.71 -1.37 -12.18
N GLU C 38 20.36 -1.07 -13.30
CA GLU C 38 19.65 -0.64 -14.50
C GLU C 38 20.23 -1.24 -15.77
N ASP C 39 21.02 -2.31 -15.67
CA ASP C 39 21.52 -3.01 -16.85
C ASP C 39 20.54 -4.08 -17.33
N TYR C 40 19.25 -3.79 -17.24
CA TYR C 40 18.20 -4.71 -17.68
C TYR C 40 16.91 -3.92 -17.84
N LYS C 41 15.93 -4.54 -18.46
CA LYS C 41 14.62 -3.94 -18.69
C LYS C 41 13.58 -4.69 -17.88
N TYR C 42 12.95 -4.00 -16.94
CA TYR C 42 11.92 -4.64 -16.13
C TYR C 42 10.69 -4.92 -16.98
N ILE C 43 10.22 -6.16 -16.93
CA ILE C 43 8.98 -6.58 -17.58
C ILE C 43 8.19 -7.41 -16.58
N SER C 44 6.89 -7.16 -16.50
CA SER C 44 6.04 -7.90 -15.59
C SER C 44 5.57 -9.23 -16.17
N GLU C 45 5.67 -9.41 -17.49
CA GLU C 45 5.29 -10.65 -18.15
C GLU C 45 6.37 -11.07 -19.11
N ASN C 46 6.42 -12.37 -19.40
CA ASN C 46 7.45 -12.92 -20.28
C ASN C 46 7.37 -12.29 -21.67
N CYS C 47 8.53 -12.16 -22.31
CA CYS C 47 8.63 -11.60 -23.64
C CYS C 47 9.35 -12.60 -24.55
N GLU C 48 9.37 -12.28 -25.85
CA GLU C 48 10.15 -13.01 -26.83
C GLU C 48 10.95 -12.03 -27.67
N THR C 49 12.19 -12.43 -28.01
CA THR C 49 12.98 -11.71 -28.99
C THR C 49 13.06 -12.43 -30.33
N SER C 50 12.79 -13.73 -30.36
CA SER C 50 12.58 -14.47 -31.59
C SER C 50 11.33 -15.33 -31.42
N THR C 51 10.68 -15.62 -32.55
CA THR C 51 9.38 -16.29 -32.51
C THR C 51 9.45 -17.61 -31.75
N MET C 52 8.54 -17.80 -30.80
CA MET C 52 8.44 -19.03 -30.05
C MET C 52 7.34 -19.95 -30.52
N ASN C 53 6.37 -19.42 -31.29
CA ASN C 53 5.28 -20.21 -31.85
C ASN C 53 4.51 -20.96 -30.77
N ILE C 54 4.20 -20.26 -29.67
CA ILE C 54 3.34 -20.82 -28.64
C ILE C 54 1.96 -21.08 -29.23
N ASP C 55 1.37 -22.21 -28.87
CA ASP C 55 0.02 -22.54 -29.32
C ASP C 55 -0.98 -21.77 -28.47
N ARG C 56 -1.57 -20.73 -29.05
CA ARG C 56 -2.57 -19.91 -28.37
C ARG C 56 -3.99 -20.21 -28.84
N ASN C 57 -4.18 -21.31 -29.57
CA ASN C 57 -5.51 -21.70 -30.03
C ASN C 57 -6.43 -21.94 -28.83
N ILE C 58 -7.50 -21.14 -28.76
CA ILE C 58 -8.40 -21.21 -27.62
C ILE C 58 -9.19 -22.52 -27.59
N THR C 59 -9.34 -23.19 -28.74
CA THR C 59 -10.00 -24.48 -28.78
C THR C 59 -9.11 -25.62 -28.31
N HIS C 60 -7.80 -25.37 -28.17
CA HIS C 60 -6.87 -26.35 -27.63
C HIS C 60 -6.80 -26.32 -26.11
N LEU C 61 -7.64 -25.51 -25.46
CA LEU C 61 -7.58 -25.32 -24.02
C LEU C 61 -8.51 -26.30 -23.33
N GLN C 62 -7.94 -27.20 -22.52
CA GLN C 62 -8.75 -27.96 -21.59
C GLN C 62 -9.31 -27.02 -20.53
N HIS C 63 -10.62 -27.10 -20.31
CA HIS C 63 -11.30 -26.14 -19.45
C HIS C 63 -12.40 -26.85 -18.68
N CYS C 64 -12.84 -26.20 -17.60
CA CYS C 64 -13.89 -26.74 -16.75
C CYS C 64 -15.24 -26.16 -17.13
N THR C 65 -16.29 -26.91 -16.78
CA THR C 65 -17.67 -26.47 -16.93
C THR C 65 -18.30 -26.16 -15.57
N CYS C 66 -17.52 -25.52 -14.70
CA CYS C 66 -17.93 -25.30 -13.32
C CYS C 66 -18.86 -24.12 -13.20
N VAL C 67 -19.99 -24.33 -12.51
CA VAL C 67 -20.91 -23.26 -12.18
C VAL C 67 -20.75 -22.79 -10.75
N ASP C 68 -19.82 -23.34 -10.00
CA ASP C 68 -19.48 -22.92 -8.66
C ASP C 68 -18.23 -22.04 -8.69
N ASP C 69 -17.53 -21.95 -7.56
CA ASP C 69 -16.25 -21.25 -7.51
C ASP C 69 -15.07 -22.21 -7.72
N CYS C 70 -15.31 -23.34 -8.39
CA CYS C 70 -14.27 -24.31 -8.73
C CYS C 70 -13.62 -24.89 -7.48
N SER C 71 -14.42 -25.12 -6.44
CA SER C 71 -13.96 -25.78 -5.22
C SER C 71 -14.38 -27.24 -5.15
N SER C 72 -15.30 -27.68 -6.01
CA SER C 72 -15.76 -29.06 -6.00
C SER C 72 -14.75 -29.98 -6.68
N SER C 73 -14.91 -31.27 -6.44
CA SER C 73 -14.02 -32.28 -7.01
C SER C 73 -14.30 -32.56 -8.48
N ASN C 74 -15.22 -31.82 -9.10
CA ASN C 74 -15.57 -32.03 -10.50
C ASN C 74 -14.90 -31.04 -11.44
N CYS C 75 -14.17 -30.06 -10.91
CA CYS C 75 -13.43 -29.12 -11.75
C CYS C 75 -12.34 -29.85 -12.54
N LEU C 76 -12.51 -29.87 -13.86
CA LEU C 76 -11.54 -30.55 -14.72
C LEU C 76 -10.14 -29.97 -14.54
N CYS C 77 -10.06 -28.64 -14.38
CA CYS C 77 -8.77 -27.98 -14.24
C CYS C 77 -8.03 -28.47 -12.99
N GLY C 78 -8.73 -28.53 -11.86
CA GLY C 78 -8.14 -29.11 -10.67
C GLY C 78 -7.80 -30.58 -10.87
N GLN C 79 -8.66 -31.31 -11.58
CA GLN C 79 -8.41 -32.73 -11.84
C GLN C 79 -7.13 -32.93 -12.64
N LEU C 80 -6.80 -32.00 -13.54
CA LEU C 80 -5.57 -32.12 -14.30
C LEU C 80 -4.33 -31.97 -13.43
N SER C 81 -4.45 -31.29 -12.29
CA SER C 81 -3.41 -31.27 -11.27
C SER C 81 -3.69 -32.25 -10.15
N ILE C 82 -4.29 -33.39 -10.48
CA ILE C 82 -4.89 -34.33 -9.53
C ILE C 82 -6.03 -33.63 -8.81
N ARG C 83 -5.71 -32.66 -7.97
CA ARG C 83 -6.68 -31.82 -7.30
C ARG C 83 -6.21 -30.37 -7.36
N CYS C 84 -7.12 -29.45 -7.05
CA CYS C 84 -6.73 -28.06 -6.88
C CYS C 84 -6.00 -27.91 -5.54
N TRP C 85 -4.78 -27.37 -5.60
CA TRP C 85 -3.91 -27.32 -4.44
C TRP C 85 -4.00 -26.02 -3.66
N TYR C 86 -4.88 -25.10 -4.06
CA TYR C 86 -5.06 -23.85 -3.36
C TYR C 86 -6.13 -23.99 -2.29
N ASP C 87 -5.86 -23.43 -1.12
CA ASP C 87 -6.84 -23.43 -0.04
C ASP C 87 -7.83 -22.29 -0.26
N LYS C 88 -8.65 -22.01 0.75
CA LYS C 88 -9.66 -20.96 0.62
C LYS C 88 -9.04 -19.60 0.36
N ASP C 89 -7.81 -19.38 0.81
CA ASP C 89 -7.15 -18.09 0.70
C ASP C 89 -6.20 -18.00 -0.48
N GLY C 90 -6.04 -19.08 -1.25
CA GLY C 90 -5.08 -19.08 -2.33
C GLY C 90 -3.69 -19.53 -1.93
N ARG C 91 -3.57 -20.31 -0.86
CA ARG C 91 -2.29 -20.82 -0.40
C ARG C 91 -2.23 -22.33 -0.62
N LEU C 92 -1.06 -22.81 -0.98
CA LEU C 92 -0.88 -24.24 -1.24
C LEU C 92 -1.15 -25.05 0.02
N LEU C 93 -1.82 -26.19 -0.15
CA LEU C 93 -2.05 -27.08 0.96
C LEU C 93 -0.72 -27.58 1.52
N GLN C 94 -0.70 -27.91 2.81
CA GLN C 94 0.53 -28.40 3.41
C GLN C 94 0.89 -29.78 2.88
N GLU C 95 -0.10 -30.56 2.43
CA GLU C 95 0.15 -31.85 1.81
C GLU C 95 0.78 -31.72 0.43
N PHE C 96 0.86 -30.50 -0.13
CA PHE C 96 1.45 -30.28 -1.44
C PHE C 96 2.87 -30.83 -1.50
N ASN C 97 3.15 -31.58 -2.57
CA ASN C 97 4.47 -32.15 -2.77
C ASN C 97 5.51 -31.06 -2.95
N LYS C 98 6.20 -30.69 -1.88
CA LYS C 98 7.23 -29.66 -1.94
C LYS C 98 8.53 -30.17 -2.56
N ILE C 99 8.70 -31.48 -2.69
CA ILE C 99 9.88 -32.03 -3.36
C ILE C 99 9.68 -32.10 -4.86
N GLU C 100 8.60 -32.74 -5.30
CA GLU C 100 8.26 -32.89 -6.72
C GLU C 100 6.89 -32.30 -6.96
N PRO C 101 6.79 -31.01 -7.29
CA PRO C 101 5.48 -30.38 -7.46
C PRO C 101 4.81 -30.85 -8.74
N PRO C 102 3.51 -31.12 -8.70
CA PRO C 102 2.79 -31.45 -9.93
C PRO C 102 2.53 -30.20 -10.76
N LEU C 103 2.19 -30.44 -12.03
CA LEU C 103 1.84 -29.34 -12.91
C LEU C 103 0.49 -28.76 -12.50
N ILE C 104 0.45 -27.45 -12.29
CA ILE C 104 -0.77 -26.76 -11.88
C ILE C 104 -1.41 -26.13 -13.11
N PHE C 105 -2.67 -26.47 -13.37
CA PHE C 105 -3.45 -25.90 -14.45
C PHE C 105 -4.50 -24.99 -13.82
N GLU C 106 -4.25 -23.69 -13.83
CA GLU C 106 -5.23 -22.73 -13.34
C GLU C 106 -6.34 -22.55 -14.37
N CYS C 107 -7.49 -22.09 -13.89
CA CYS C 107 -8.62 -21.84 -14.78
C CYS C 107 -8.28 -20.76 -15.80
N ASN C 108 -8.84 -20.89 -16.99
CA ASN C 108 -8.47 -20.01 -18.10
C ASN C 108 -9.68 -19.31 -18.70
N GLN C 109 -9.46 -18.65 -19.85
CA GLN C 109 -10.52 -17.89 -20.50
C GLN C 109 -11.59 -18.78 -21.11
N ALA C 110 -11.29 -20.05 -21.38
CA ALA C 110 -12.29 -20.96 -21.93
C ALA C 110 -13.17 -21.58 -20.85
N CYS C 111 -12.76 -21.52 -19.58
CA CYS C 111 -13.59 -22.01 -18.51
C CYS C 111 -14.87 -21.16 -18.40
N SER C 112 -15.93 -21.79 -17.91
CA SER C 112 -17.19 -21.09 -17.71
C SER C 112 -17.27 -20.38 -16.36
N CYS C 113 -16.30 -20.60 -15.49
CA CYS C 113 -16.32 -19.99 -14.16
C CYS C 113 -16.03 -18.49 -14.25
N TRP C 114 -16.18 -17.82 -13.12
CA TRP C 114 -15.91 -16.39 -13.05
C TRP C 114 -14.41 -16.15 -12.82
N ARG C 115 -14.01 -14.90 -13.08
CA ARG C 115 -12.61 -14.50 -12.96
C ARG C 115 -12.10 -14.58 -11.52
N ASN C 116 -12.98 -14.74 -10.54
CA ASN C 116 -12.61 -14.73 -9.13
C ASN C 116 -12.64 -16.11 -8.50
N CYS C 117 -12.65 -17.17 -9.30
CA CYS C 117 -12.72 -18.52 -8.75
C CYS C 117 -11.45 -18.86 -7.99
N LYS C 118 -11.49 -19.97 -7.25
CA LYS C 118 -10.41 -20.36 -6.36
C LYS C 118 -9.21 -20.94 -7.08
N ASN C 119 -9.25 -21.05 -8.41
CA ASN C 119 -8.16 -21.67 -9.15
C ASN C 119 -7.49 -20.65 -10.08
N ARG C 120 -7.14 -19.48 -9.55
CA ARG C 120 -6.58 -18.40 -10.35
C ARG C 120 -5.58 -17.59 -9.55
N VAL C 121 -4.73 -18.26 -8.76
CA VAL C 121 -3.86 -17.55 -7.83
C VAL C 121 -2.72 -16.86 -8.56
N VAL C 122 -2.00 -17.60 -9.40
CA VAL C 122 -0.79 -17.04 -10.02
C VAL C 122 -1.16 -15.97 -11.04
N GLN C 123 -2.25 -16.14 -11.76
CA GLN C 123 -2.63 -15.17 -12.78
C GLN C 123 -3.12 -13.85 -12.19
N SER C 124 -3.25 -13.74 -10.87
CA SER C 124 -3.69 -12.51 -10.23
C SER C 124 -2.54 -11.61 -9.80
N GLY C 125 -1.30 -12.07 -9.93
CA GLY C 125 -0.15 -11.21 -9.71
C GLY C 125 0.33 -11.20 -8.27
N ILE C 126 1.27 -10.28 -8.03
CA ILE C 126 1.94 -10.18 -6.74
C ILE C 126 1.02 -9.52 -5.73
N LYS C 127 0.93 -10.11 -4.54
CA LYS C 127 0.17 -9.54 -3.43
C LYS C 127 1.02 -9.19 -2.22
N VAL C 128 2.10 -9.93 -1.97
CA VAL C 128 2.96 -9.65 -0.82
C VAL C 128 3.85 -8.45 -1.12
N ARG C 129 4.31 -7.80 -0.06
CA ARG C 129 5.17 -6.62 -0.16
C ARG C 129 6.63 -7.07 -0.09
N LEU C 130 7.35 -6.90 -1.18
CA LEU C 130 8.76 -7.25 -1.27
C LEU C 130 9.60 -5.99 -1.40
N GLN C 131 10.91 -6.17 -1.22
CA GLN C 131 11.86 -5.06 -1.30
C GLN C 131 13.16 -5.55 -1.90
N LEU C 132 13.66 -4.81 -2.89
CA LEU C 132 14.99 -5.07 -3.45
C LEU C 132 16.02 -4.35 -2.60
N TYR C 133 16.96 -5.09 -2.02
CA TYR C 133 17.93 -4.52 -1.11
C TYR C 133 19.33 -5.06 -1.41
N ARG C 134 20.33 -4.35 -0.89
CA ARG C 134 21.72 -4.74 -1.06
C ARG C 134 22.13 -5.65 0.09
N THR C 135 22.47 -6.89 -0.23
CA THR C 135 22.89 -7.85 0.79
C THR C 135 24.33 -7.55 1.23
N ALA C 136 24.76 -8.28 2.25
CA ALA C 136 26.13 -8.10 2.76
C ALA C 136 27.15 -8.65 1.78
N LYS C 137 26.93 -9.87 1.28
CA LYS C 137 27.93 -10.56 0.47
C LYS C 137 27.39 -11.14 -0.83
N MET C 138 26.10 -10.95 -1.14
CA MET C 138 25.46 -11.65 -2.25
C MET C 138 24.90 -10.68 -3.29
N GLY C 139 25.45 -9.48 -3.37
CA GLY C 139 24.94 -8.49 -4.33
C GLY C 139 23.56 -8.02 -3.92
N TRP C 140 22.68 -7.87 -4.91
CA TRP C 140 21.31 -7.47 -4.66
C TRP C 140 20.46 -8.68 -4.29
N GLY C 141 19.49 -8.46 -3.40
CA GLY C 141 18.60 -9.51 -2.97
C GLY C 141 17.18 -8.98 -2.82
N VAL C 142 16.27 -9.91 -2.53
CA VAL C 142 14.87 -9.60 -2.29
C VAL C 142 14.50 -10.12 -0.90
N ARG C 143 13.86 -9.27 -0.10
CA ARG C 143 13.44 -9.66 1.24
C ARG C 143 11.99 -9.25 1.45
N ALA C 144 11.41 -9.80 2.52
CA ALA C 144 10.01 -9.58 2.84
C ALA C 144 9.85 -8.36 3.72
N LEU C 145 8.80 -7.58 3.45
CA LEU C 145 8.42 -6.45 4.29
C LEU C 145 7.24 -6.79 5.19
N GLN C 146 6.82 -8.04 5.22
CA GLN C 146 5.70 -8.50 6.02
C GLN C 146 5.93 -9.95 6.39
N THR C 147 4.97 -10.53 7.11
CA THR C 147 4.98 -11.97 7.33
C THR C 147 4.29 -12.66 6.16
N ILE C 148 4.86 -13.77 5.72
CA ILE C 148 4.31 -14.52 4.61
C ILE C 148 4.03 -15.95 5.06
N PRO C 149 2.78 -16.35 5.20
CA PRO C 149 2.47 -17.71 5.63
C PRO C 149 2.90 -18.73 4.59
N GLN C 150 3.09 -19.97 5.05
CA GLN C 150 3.50 -21.05 4.19
C GLN C 150 2.50 -21.26 3.05
N GLY C 151 3.02 -21.45 1.84
CA GLY C 151 2.20 -21.70 0.68
C GLY C 151 1.71 -20.47 -0.04
N THR C 152 2.10 -19.27 0.39
CA THR C 152 1.69 -18.04 -0.25
C THR C 152 2.44 -17.85 -1.56
N PHE C 153 1.71 -17.44 -2.60
CA PHE C 153 2.34 -17.11 -3.86
C PHE C 153 3.17 -15.83 -3.72
N ILE C 154 4.41 -15.88 -4.18
CA ILE C 154 5.34 -14.77 -4.00
C ILE C 154 5.43 -13.95 -5.28
N CYS C 155 5.96 -14.55 -6.34
CA CYS C 155 6.13 -13.86 -7.61
C CYS C 155 6.41 -14.90 -8.68
N GLU C 156 6.33 -14.47 -9.94
CA GLU C 156 6.64 -15.30 -11.09
C GLU C 156 8.06 -15.01 -11.56
N TYR C 157 8.76 -16.03 -12.03
CA TYR C 157 10.07 -15.83 -12.64
C TYR C 157 9.86 -15.42 -14.08
N VAL C 158 9.97 -14.12 -14.34
CA VAL C 158 9.66 -13.54 -15.64
C VAL C 158 10.95 -13.22 -16.38
N GLY C 159 10.98 -13.49 -17.67
CA GLY C 159 12.13 -13.16 -18.47
C GLY C 159 11.88 -13.34 -19.95
N GLU C 160 12.96 -13.47 -20.70
CA GLU C 160 12.91 -13.64 -22.14
C GLU C 160 12.95 -15.13 -22.47
N LEU C 161 11.95 -15.59 -23.22
CA LEU C 161 11.86 -16.99 -23.60
C LEU C 161 12.84 -17.27 -24.73
N ILE C 162 13.74 -18.23 -24.52
CA ILE C 162 14.73 -18.62 -25.52
C ILE C 162 14.82 -20.14 -25.58
N SER C 163 15.42 -20.63 -26.66
CA SER C 163 15.66 -22.05 -26.82
C SER C 163 16.91 -22.48 -26.05
N ASP C 164 17.08 -23.80 -25.91
CA ASP C 164 18.28 -24.30 -25.25
C ASP C 164 19.53 -23.99 -26.06
N ALA C 165 19.40 -23.88 -27.39
CA ALA C 165 20.55 -23.55 -28.22
C ALA C 165 20.96 -22.09 -28.03
N GLU C 166 19.98 -21.19 -27.84
CA GLU C 166 20.30 -19.79 -27.63
C GLU C 166 21.01 -19.58 -26.29
N ALA C 167 20.63 -20.35 -25.27
CA ALA C 167 21.29 -20.23 -23.97
C ALA C 167 22.76 -20.65 -24.05
N ASP C 168 23.10 -21.53 -24.99
CA ASP C 168 24.48 -21.95 -25.14
C ASP C 168 25.38 -20.80 -25.60
N VAL C 169 24.84 -19.88 -26.39
CA VAL C 169 25.62 -18.78 -26.94
C VAL C 169 25.41 -17.49 -26.15
N ARG C 170 24.88 -17.59 -24.93
CA ARG C 170 24.68 -16.43 -24.08
C ARG C 170 25.91 -16.19 -23.22
N GLU C 171 26.40 -14.95 -23.23
CA GLU C 171 27.60 -14.61 -22.46
C GLU C 171 27.40 -14.84 -20.98
N ASP C 172 26.23 -14.48 -20.45
CA ASP C 172 25.95 -14.47 -19.02
C ASP C 172 24.82 -15.46 -18.74
N ASP C 173 25.17 -16.60 -18.13
CA ASP C 173 24.18 -17.62 -17.79
C ASP C 173 23.81 -17.59 -16.30
N SER C 174 23.85 -16.41 -15.68
CA SER C 174 23.52 -16.27 -14.27
C SER C 174 22.04 -16.05 -14.01
N TYR C 175 21.26 -15.71 -15.04
CA TYR C 175 19.83 -15.40 -14.90
C TYR C 175 18.97 -16.36 -15.70
N LEU C 176 19.38 -17.62 -15.81
CA LEU C 176 18.68 -18.61 -16.62
C LEU C 176 17.81 -19.49 -15.73
N PHE C 177 16.56 -19.70 -16.14
CA PHE C 177 15.69 -20.71 -15.55
C PHE C 177 15.30 -21.70 -16.64
N ASP C 178 15.47 -22.98 -16.36
CA ASP C 178 15.27 -24.04 -17.34
C ASP C 178 13.88 -24.64 -17.21
N LEU C 179 13.22 -24.83 -18.35
CA LEU C 179 11.88 -25.42 -18.42
C LEU C 179 12.03 -26.82 -18.99
N ASP C 180 12.29 -27.79 -18.13
CA ASP C 180 12.56 -29.17 -18.62
C ASP C 180 11.28 -29.95 -18.96
N ASN C 181 10.91 -30.00 -20.23
CA ASN C 181 9.71 -30.68 -20.79
C ASN C 181 10.06 -32.15 -21.08
N GLY C 184 10.30 -33.58 -24.53
CA GLY C 184 10.09 -32.75 -25.73
C GLY C 184 11.07 -31.60 -25.86
N GLU C 185 10.77 -30.63 -26.73
CA GLU C 185 11.59 -29.42 -26.98
C GLU C 185 11.82 -28.69 -25.66
N VAL C 186 13.05 -28.24 -25.45
CA VAL C 186 13.46 -27.64 -24.20
C VAL C 186 13.71 -26.16 -24.42
N TYR C 187 13.16 -25.32 -23.54
CA TYR C 187 13.28 -23.88 -23.62
C TYR C 187 13.69 -23.32 -22.25
N CYS C 188 14.07 -22.04 -22.24
CA CYS C 188 14.59 -21.41 -21.04
C CYS C 188 14.00 -20.02 -20.89
N ILE C 189 14.01 -19.55 -19.64
CA ILE C 189 13.68 -18.17 -19.31
C ILE C 189 14.97 -17.46 -18.92
N ASP C 190 15.36 -16.46 -19.71
CA ASP C 190 16.57 -15.68 -19.46
C ASP C 190 16.15 -14.31 -18.94
N ALA C 191 16.49 -14.01 -17.69
CA ALA C 191 16.19 -12.73 -17.08
C ALA C 191 17.39 -11.78 -17.11
N ARG C 192 18.36 -12.04 -17.98
CA ARG C 192 19.56 -11.20 -18.02
C ARG C 192 19.24 -9.83 -18.59
N TYR C 193 18.62 -9.79 -19.78
CA TYR C 193 18.27 -8.52 -20.41
C TYR C 193 16.86 -8.08 -20.09
N TYR C 194 15.93 -9.01 -19.96
CA TYR C 194 14.54 -8.71 -19.63
C TYR C 194 14.12 -9.61 -18.47
N GLY C 195 13.64 -8.99 -17.39
CA GLY C 195 13.22 -9.77 -16.24
C GLY C 195 12.48 -8.91 -15.25
N ASN C 196 11.94 -9.58 -14.22
CA ASN C 196 11.22 -8.88 -13.16
C ASN C 196 11.94 -9.03 -11.82
N ILE C 197 11.22 -8.83 -10.72
CA ILE C 197 11.82 -8.80 -9.39
C ILE C 197 12.50 -10.13 -9.05
N SER C 198 12.04 -11.23 -9.65
CA SER C 198 12.59 -12.54 -9.32
CA SER C 198 12.59 -12.54 -9.32
C SER C 198 14.03 -12.71 -9.81
N ARG C 199 14.46 -11.91 -10.78
CA ARG C 199 15.84 -12.00 -11.26
C ARG C 199 16.84 -11.62 -10.17
N PHE C 200 16.37 -11.08 -9.04
CA PHE C 200 17.24 -10.68 -7.94
C PHE C 200 17.15 -11.64 -6.75
N ILE C 201 16.44 -12.74 -6.88
CA ILE C 201 16.35 -13.72 -5.81
C ILE C 201 17.60 -14.58 -5.82
N ASN C 202 18.27 -14.67 -4.67
CA ASN C 202 19.52 -15.39 -4.56
C ASN C 202 19.29 -16.87 -4.25
N HIS C 203 20.36 -17.64 -4.32
CA HIS C 203 20.33 -19.04 -3.89
C HIS C 203 20.55 -19.13 -2.39
N LEU C 204 19.78 -20.01 -1.75
CA LEU C 204 19.96 -20.30 -0.33
C LEU C 204 19.95 -21.81 -0.14
N CYS C 205 20.97 -22.32 0.56
CA CYS C 205 21.01 -23.74 0.88
C CYS C 205 19.90 -24.14 1.84
N ASP C 206 19.32 -23.18 2.56
CA ASP C 206 18.14 -23.39 3.39
C ASP C 206 17.03 -22.51 2.80
N PRO C 207 16.40 -22.95 1.72
CA PRO C 207 15.48 -22.09 0.98
C PRO C 207 14.11 -21.99 1.63
N ASN C 208 13.44 -20.87 1.35
CA ASN C 208 12.09 -20.63 1.87
C ASN C 208 11.05 -20.44 0.78
N ILE C 209 11.44 -20.52 -0.50
CA ILE C 209 10.49 -20.53 -1.60
C ILE C 209 10.86 -21.66 -2.55
N ILE C 210 9.87 -22.14 -3.30
CA ILE C 210 10.06 -23.24 -4.24
C ILE C 210 9.40 -22.91 -5.56
N PRO C 211 10.02 -23.23 -6.69
CA PRO C 211 9.37 -23.00 -7.98
C PRO C 211 8.35 -24.08 -8.30
N VAL C 212 7.23 -23.67 -8.87
CA VAL C 212 6.19 -24.57 -9.36
C VAL C 212 5.84 -24.17 -10.78
N ARG C 213 5.62 -25.16 -11.63
CA ARG C 213 5.31 -24.92 -13.04
C ARG C 213 3.80 -24.83 -13.22
N VAL C 214 3.34 -23.72 -13.81
CA VAL C 214 1.93 -23.38 -13.88
C VAL C 214 1.55 -23.07 -15.32
N PHE C 215 0.32 -23.41 -15.68
CA PHE C 215 -0.25 -23.09 -16.98
C PHE C 215 -1.52 -22.27 -16.76
N MET C 216 -1.69 -21.23 -17.58
CA MET C 216 -2.80 -20.30 -17.39
C MET C 216 -3.56 -20.04 -18.68
N LEU C 217 -3.16 -19.00 -19.43
CA LEU C 217 -3.86 -18.63 -20.64
C LEU C 217 -3.54 -19.53 -21.83
N HIS C 218 -2.52 -20.36 -21.72
CA HIS C 218 -2.23 -21.38 -22.72
C HIS C 218 -1.84 -22.67 -22.00
N GLN C 219 -1.77 -23.76 -22.76
CA GLN C 219 -1.38 -25.04 -22.21
C GLN C 219 -0.34 -25.73 -23.08
N ASP C 220 0.45 -24.94 -23.80
CA ASP C 220 1.61 -25.44 -24.53
C ASP C 220 2.63 -25.96 -23.53
N LEU C 221 2.83 -27.28 -23.50
CA LEU C 221 3.67 -27.89 -22.49
C LEU C 221 5.14 -27.49 -22.63
N ARG C 222 5.56 -27.00 -23.79
CA ARG C 222 6.94 -26.56 -23.96
C ARG C 222 7.25 -25.30 -23.15
N PHE C 223 6.23 -24.56 -22.73
CA PHE C 223 6.42 -23.27 -22.07
C PHE C 223 5.59 -23.20 -20.79
N PRO C 224 6.01 -23.88 -19.74
CA PRO C 224 5.39 -23.66 -18.43
C PRO C 224 5.85 -22.33 -17.85
N ARG C 225 4.99 -21.74 -17.02
CA ARG C 225 5.33 -20.52 -16.31
C ARG C 225 5.74 -20.87 -14.88
N ILE C 226 6.77 -20.19 -14.39
CA ILE C 226 7.43 -20.53 -13.14
C ILE C 226 6.89 -19.61 -12.04
N ALA C 227 6.25 -20.20 -11.04
CA ALA C 227 5.69 -19.45 -9.92
C ALA C 227 6.42 -19.83 -8.64
N PHE C 228 6.79 -18.84 -7.85
CA PHE C 228 7.42 -19.07 -6.55
C PHE C 228 6.34 -19.05 -5.46
N PHE C 229 6.27 -20.12 -4.68
CA PHE C 229 5.44 -20.18 -3.49
C PHE C 229 6.36 -20.36 -2.28
N SER C 230 6.00 -19.73 -1.17
CA SER C 230 6.77 -19.89 0.04
C SER C 230 6.64 -21.33 0.56
N SER C 231 7.78 -21.97 0.79
CA SER C 231 7.78 -23.35 1.26
C SER C 231 7.57 -23.47 2.76
N ARG C 232 7.50 -22.36 3.47
CA ARG C 232 7.18 -22.31 4.90
C ARG C 232 6.98 -20.86 5.29
N ASP C 233 6.63 -20.64 6.55
CA ASP C 233 6.40 -19.28 7.05
C ASP C 233 7.67 -18.46 6.95
N ILE C 234 7.55 -17.24 6.41
CA ILE C 234 8.67 -16.33 6.23
C ILE C 234 8.46 -15.13 7.13
N ARG C 235 9.44 -14.85 7.97
CA ARG C 235 9.38 -13.74 8.89
C ARG C 235 9.76 -12.44 8.17
N THR C 236 9.30 -11.32 8.74
CA THR C 236 9.58 -10.02 8.15
C THR C 236 11.08 -9.75 8.14
N GLY C 237 11.56 -9.14 7.06
CA GLY C 237 12.97 -8.87 6.88
C GLY C 237 13.79 -10.04 6.40
N GLU C 238 13.24 -11.25 6.39
CA GLU C 238 13.98 -12.42 5.94
C GLU C 238 14.18 -12.38 4.43
N GLU C 239 15.37 -12.76 3.99
CA GLU C 239 15.67 -12.76 2.56
C GLU C 239 15.00 -13.94 1.87
N LEU C 240 14.51 -13.72 0.66
CA LEU C 240 13.88 -14.75 -0.14
C LEU C 240 14.93 -15.45 -1.00
N GLY C 241 14.83 -16.77 -1.09
CA GLY C 241 15.77 -17.55 -1.87
C GLY C 241 15.29 -18.97 -2.05
N PHE C 242 15.78 -19.59 -3.12
CA PHE C 242 15.46 -20.97 -3.45
C PHE C 242 16.73 -21.70 -3.84
N ASP C 243 16.61 -23.00 -4.06
CA ASP C 243 17.75 -23.83 -4.45
C ASP C 243 17.96 -23.69 -5.96
N TYR C 244 19.08 -23.10 -6.35
CA TYR C 244 19.38 -22.93 -7.77
C TYR C 244 19.53 -24.26 -8.48
N GLY C 245 19.93 -25.30 -7.76
CA GLY C 245 20.20 -26.58 -8.37
C GLY C 245 21.68 -26.78 -8.65
N ASP C 246 22.07 -28.03 -8.89
CA ASP C 246 23.47 -28.36 -9.06
C ASP C 246 24.00 -28.01 -10.44
N ARG C 247 23.14 -27.90 -11.45
CA ARG C 247 23.61 -27.47 -12.77
C ARG C 247 24.20 -26.08 -12.71
N PHE C 248 23.54 -25.17 -11.98
CA PHE C 248 24.09 -23.83 -11.79
C PHE C 248 25.44 -23.89 -11.07
N TRP C 249 25.53 -24.68 -10.00
CA TRP C 249 26.68 -24.61 -9.13
C TRP C 249 27.89 -25.37 -9.68
N ASP C 250 27.68 -26.44 -10.44
CA ASP C 250 28.80 -27.09 -11.10
C ASP C 250 29.47 -26.15 -12.10
N ILE C 251 28.72 -25.21 -12.66
CA ILE C 251 29.27 -24.28 -13.63
C ILE C 251 29.93 -23.10 -12.92
N LYS C 252 29.36 -22.65 -11.80
CA LYS C 252 29.79 -21.42 -11.15
C LYS C 252 30.81 -21.62 -10.04
N SER C 253 30.87 -22.82 -9.45
CA SER C 253 31.72 -23.04 -8.29
C SER C 253 33.20 -22.78 -8.57
N LYS C 254 33.61 -22.84 -9.84
CA LYS C 254 34.99 -22.55 -10.18
C LYS C 254 35.27 -21.06 -10.30
N TYR C 255 34.24 -20.23 -10.36
CA TYR C 255 34.41 -18.78 -10.42
C TYR C 255 34.07 -18.09 -9.10
N PHE C 256 33.09 -18.59 -8.36
CA PHE C 256 32.77 -18.04 -7.04
C PHE C 256 32.11 -19.12 -6.21
N THR C 257 31.93 -18.81 -4.93
CA THR C 257 31.45 -19.73 -3.91
C THR C 257 30.13 -19.21 -3.33
N CYS C 258 29.51 -20.01 -2.48
CA CYS C 258 28.22 -19.67 -1.90
C CYS C 258 28.42 -18.92 -0.59
N GLN C 259 27.70 -17.82 -0.43
CA GLN C 259 27.81 -16.96 0.75
C GLN C 259 26.51 -16.92 1.57
N CYS C 260 25.69 -17.97 1.48
CA CYS C 260 24.42 -17.97 2.21
C CYS C 260 24.62 -17.93 3.71
N GLY C 261 25.79 -18.34 4.21
CA GLY C 261 26.12 -18.23 5.61
C GLY C 261 25.31 -19.16 6.48
N SER C 262 24.65 -20.13 5.87
CA SER C 262 23.82 -21.07 6.61
C SER C 262 24.67 -22.16 7.22
N GLU C 263 24.21 -22.65 8.39
CA GLU C 263 24.78 -23.85 9.00
C GLU C 263 24.74 -25.04 8.07
N LYS C 264 23.89 -25.00 7.03
CA LYS C 264 23.63 -26.14 6.16
C LYS C 264 24.14 -25.89 4.74
N CYS C 265 25.12 -24.99 4.59
CA CYS C 265 25.58 -24.62 3.26
C CYS C 265 26.28 -25.80 2.58
N LYS C 266 25.84 -26.10 1.35
CA LYS C 266 26.42 -27.17 0.54
C LYS C 266 27.31 -26.67 -0.58
N HIS C 267 27.48 -25.36 -0.72
CA HIS C 267 28.25 -24.84 -1.84
C HIS C 267 29.27 -23.78 -1.45
N SER C 268 29.60 -23.62 -0.17
CA SER C 268 30.67 -22.72 0.20
C SER C 268 32.01 -23.31 -0.21
N ALA C 269 33.02 -22.44 -0.30
CA ALA C 269 34.37 -22.92 -0.60
C ALA C 269 34.82 -23.95 0.42
N GLU C 270 34.41 -23.78 1.67
CA GLU C 270 34.67 -24.80 2.70
C GLU C 270 33.96 -26.10 2.35
N ALA C 271 32.64 -26.06 2.22
CA ALA C 271 31.86 -27.28 1.99
C ALA C 271 32.25 -27.98 0.70
N ILE C 272 32.64 -27.23 -0.32
CA ILE C 272 33.05 -27.84 -1.59
C ILE C 272 34.35 -28.61 -1.42
N ALA C 273 35.36 -27.96 -0.82
CA ALA C 273 36.67 -28.60 -0.69
C ALA C 273 36.65 -29.75 0.31
N LEU C 274 35.78 -29.67 1.32
CA LEU C 274 35.77 -30.67 2.39
C LEU C 274 35.30 -32.05 1.92
N GLU C 275 34.96 -32.21 0.65
CA GLU C 275 34.66 -33.53 0.11
C GLU C 275 35.44 -33.76 -1.19
N ARG D 7 34.89 33.33 38.76
CA ARG D 7 34.44 31.94 38.82
C ARG D 7 33.61 31.63 37.58
N THR D 8 33.58 30.35 37.19
CA THR D 8 33.10 29.92 35.89
C THR D 8 31.61 29.62 35.86
N GLU D 9 30.90 29.80 36.97
CA GLU D 9 29.44 29.63 37.12
C GLU D 9 28.95 28.22 36.77
N LYS D 10 27.87 27.81 37.44
CA LYS D 10 27.54 26.39 37.57
C LYS D 10 27.24 25.74 36.22
N ILE D 11 27.56 24.45 36.14
CA ILE D 11 27.31 23.63 34.97
C ILE D 11 25.92 23.00 35.15
N ILE D 12 24.92 23.54 34.47
CA ILE D 12 23.54 23.14 34.65
C ILE D 12 22.82 23.21 33.30
N CYS D 13 21.91 22.26 33.08
CA CYS D 13 20.95 22.32 31.98
C CYS D 13 19.56 22.16 32.56
N ARG D 14 18.62 22.99 32.12
CA ARG D 14 17.29 23.00 32.72
C ARG D 14 16.50 21.75 32.37
N ASP D 15 16.64 21.25 31.14
CA ASP D 15 15.89 20.07 30.71
C ASP D 15 16.58 19.51 29.47
N VAL D 16 17.31 18.41 29.64
CA VAL D 16 17.99 17.77 28.51
C VAL D 16 17.01 17.13 27.54
N ALA D 17 15.75 16.97 27.92
CA ALA D 17 14.75 16.34 27.08
C ALA D 17 13.98 17.34 26.21
N ARG D 18 14.30 18.64 26.31
CA ARG D 18 13.73 19.67 25.45
C ARG D 18 12.20 19.68 25.51
N GLY D 19 11.64 19.31 26.66
CA GLY D 19 10.21 19.33 26.83
C GLY D 19 9.47 18.16 26.20
N TYR D 20 10.17 17.09 25.84
CA TYR D 20 9.53 15.93 25.22
C TYR D 20 8.92 14.97 26.23
N GLU D 21 9.21 15.13 27.52
CA GLU D 21 8.70 14.26 28.56
C GLU D 21 7.66 14.98 29.40
N ASN D 22 7.00 14.22 30.28
CA ASN D 22 6.00 14.81 31.15
C ASN D 22 6.61 15.81 32.13
N VAL D 23 7.85 15.58 32.53
CA VAL D 23 8.53 16.44 33.49
C VAL D 23 9.91 16.80 32.94
N PRO D 24 10.49 17.90 33.40
CA PRO D 24 11.85 18.24 32.97
C PRO D 24 12.87 17.32 33.61
N ILE D 25 13.94 17.05 32.86
CA ILE D 25 15.06 16.25 33.35
C ILE D 25 16.30 17.13 33.37
N PRO D 26 16.62 17.77 34.49
CA PRO D 26 17.75 18.69 34.53
C PRO D 26 19.09 17.95 34.59
N CYS D 27 20.16 18.71 34.33
CA CYS D 27 21.52 18.19 34.36
C CYS D 27 22.38 19.12 35.21
N VAL D 28 23.23 18.52 36.05
CA VAL D 28 24.18 19.26 36.87
C VAL D 28 25.53 18.55 36.87
N ASN D 29 26.57 19.33 37.15
CA ASN D 29 27.91 18.78 37.37
C ASN D 29 28.51 19.52 38.57
N GLY D 30 28.66 18.80 39.68
CA GLY D 30 29.34 19.34 40.83
C GLY D 30 30.59 18.56 41.16
N VAL D 31 31.18 17.94 40.13
CA VAL D 31 32.33 17.06 40.32
C VAL D 31 33.55 17.59 39.57
N ASP D 32 33.42 17.79 38.26
CA ASP D 32 34.55 18.24 37.45
C ASP D 32 34.05 19.32 36.49
N GLY D 33 34.80 19.57 35.43
CA GLY D 33 34.51 20.62 34.48
C GLY D 33 33.87 20.19 33.19
N GLU D 34 33.39 18.97 33.09
CA GLU D 34 32.73 18.52 31.86
C GLU D 34 31.38 19.19 31.73
N PRO D 35 31.08 19.85 30.60
CA PRO D 35 29.72 20.34 30.37
C PRO D 35 28.77 19.18 30.13
N CYS D 36 27.48 19.47 30.31
CA CYS D 36 26.47 18.44 30.15
C CYS D 36 26.56 17.83 28.74
N PRO D 37 26.29 16.54 28.61
CA PRO D 37 26.64 15.83 27.37
C PRO D 37 25.88 16.34 26.16
N GLU D 38 26.55 16.37 25.01
CA GLU D 38 25.94 16.79 23.76
C GLU D 38 26.28 15.88 22.58
N ASP D 39 27.05 14.82 22.77
CA ASP D 39 27.42 13.93 21.68
C ASP D 39 26.35 12.88 21.38
N TYR D 40 25.08 13.27 21.43
CA TYR D 40 23.98 12.39 21.11
C TYR D 40 22.76 13.25 20.81
N LYS D 41 21.77 12.63 20.17
CA LYS D 41 20.50 13.28 19.88
C LYS D 41 19.45 12.71 20.82
N TYR D 42 18.79 13.57 21.59
CA TYR D 42 17.77 13.13 22.51
C TYR D 42 16.47 12.84 21.76
N ILE D 43 15.93 11.65 21.96
CA ILE D 43 14.62 11.26 21.46
C ILE D 43 13.85 10.65 22.61
N SER D 44 12.55 10.94 22.68
CA SER D 44 11.69 10.41 23.72
C SER D 44 11.08 9.05 23.35
N GLU D 45 11.12 8.67 22.08
CA GLU D 45 10.59 7.39 21.64
C GLU D 45 11.54 6.76 20.65
N ASN D 46 11.44 5.44 20.50
CA ASN D 46 12.36 4.70 19.65
C ASN D 46 12.29 5.18 18.20
N CYS D 47 13.41 5.08 17.50
CA CYS D 47 13.54 5.58 16.14
C CYS D 47 14.09 4.49 15.23
N GLU D 48 14.05 4.76 13.94
CA GLU D 48 14.54 3.85 12.91
C GLU D 48 15.57 4.56 12.03
N THR D 49 16.64 3.84 11.68
CA THR D 49 17.59 4.30 10.68
C THR D 49 17.66 3.35 9.49
N SER D 50 16.80 2.35 9.44
CA SER D 50 16.70 1.42 8.32
C SER D 50 15.38 0.67 8.46
N THR D 51 15.04 -0.10 7.43
CA THR D 51 13.73 -0.75 7.36
C THR D 51 13.62 -1.82 8.43
N MET D 52 12.80 -1.56 9.45
CA MET D 52 12.42 -2.58 10.42
C MET D 52 11.04 -3.16 10.16
N ASN D 53 10.12 -2.34 9.64
CA ASN D 53 8.75 -2.75 9.32
C ASN D 53 8.09 -3.46 10.51
N ILE D 54 7.83 -2.65 11.54
CA ILE D 54 7.14 -3.14 12.72
C ILE D 54 5.69 -3.46 12.36
N ASP D 55 5.23 -4.65 12.76
CA ASP D 55 3.86 -5.06 12.51
C ASP D 55 2.93 -4.15 13.31
N ARG D 56 2.32 -3.18 12.64
CA ARG D 56 1.37 -2.26 13.25
C ARG D 56 -0.06 -2.53 12.78
N ASN D 57 -0.33 -3.75 12.32
CA ASN D 57 -1.68 -4.10 11.89
C ASN D 57 -2.61 -4.12 13.10
N ILE D 58 -3.61 -3.23 13.08
CA ILE D 58 -4.50 -3.12 14.24
C ILE D 58 -5.33 -4.37 14.43
N THR D 59 -5.63 -5.11 13.35
CA THR D 59 -6.33 -6.37 13.48
C THR D 59 -5.44 -7.48 14.03
N HIS D 60 -4.12 -7.28 14.06
CA HIS D 60 -3.19 -8.22 14.66
C HIS D 60 -3.03 -8.00 16.16
N LEU D 61 -3.65 -6.96 16.71
CA LEU D 61 -3.50 -6.64 18.13
C LEU D 61 -4.44 -7.48 18.96
N GLN D 62 -3.89 -8.19 19.95
CA GLN D 62 -4.71 -8.80 20.98
C GLN D 62 -5.19 -7.72 21.93
N HIS D 63 -6.48 -7.76 22.26
CA HIS D 63 -7.10 -6.69 23.01
C HIS D 63 -8.21 -7.25 23.88
N CYS D 64 -8.58 -6.47 24.90
CA CYS D 64 -9.62 -6.86 25.84
C CYS D 64 -10.95 -6.21 25.48
N THR D 65 -12.02 -6.76 26.05
CA THR D 65 -13.37 -6.25 25.84
C THR D 65 -13.93 -5.56 27.08
N CYS D 66 -13.06 -5.16 28.00
CA CYS D 66 -13.50 -4.60 29.27
C CYS D 66 -14.18 -3.26 29.07
N VAL D 67 -15.26 -3.03 29.82
CA VAL D 67 -15.88 -1.72 29.94
C VAL D 67 -15.71 -1.13 31.33
N ASP D 68 -15.03 -1.83 32.23
CA ASP D 68 -14.62 -1.25 33.51
C ASP D 68 -13.26 -0.57 33.34
N ASP D 69 -12.49 -0.47 34.42
CA ASP D 69 -11.16 0.11 34.37
C ASP D 69 -10.06 -0.95 34.25
N CYS D 70 -10.41 -2.15 33.81
CA CYS D 70 -9.46 -3.25 33.58
C CYS D 70 -8.77 -3.68 34.87
N SER D 71 -9.45 -3.51 36.01
CA SER D 71 -8.96 -3.98 37.29
C SER D 71 -9.45 -5.38 37.63
N SER D 72 -10.14 -6.04 36.71
CA SER D 72 -10.74 -7.33 36.96
C SER D 72 -9.86 -8.46 36.41
N SER D 73 -10.05 -9.64 36.98
CA SER D 73 -9.29 -10.82 36.58
C SER D 73 -9.66 -11.32 35.18
N ASN D 74 -10.73 -10.80 34.59
CA ASN D 74 -11.16 -11.23 33.27
C ASN D 74 -10.53 -10.41 32.14
N CYS D 75 -9.77 -9.36 32.47
CA CYS D 75 -9.13 -8.55 31.44
C CYS D 75 -8.15 -9.41 30.64
N LEU D 76 -8.42 -9.55 29.35
CA LEU D 76 -7.58 -10.39 28.49
C LEU D 76 -6.14 -9.89 28.47
N CYS D 77 -5.95 -8.57 28.42
CA CYS D 77 -4.59 -8.03 28.36
C CYS D 77 -3.81 -8.37 29.62
N GLY D 78 -4.47 -8.31 30.78
CA GLY D 78 -3.82 -8.78 32.00
C GLY D 78 -3.53 -10.27 31.95
N GLN D 79 -4.47 -11.05 31.42
CA GLN D 79 -4.27 -12.50 31.32
C GLN D 79 -3.09 -12.84 30.42
N LEU D 80 -2.83 -12.02 29.40
CA LEU D 80 -1.68 -12.24 28.55
C LEU D 80 -0.38 -12.13 29.32
N SER D 81 -0.37 -11.35 30.41
CA SER D 81 0.76 -11.27 31.33
C SER D 81 0.54 -12.14 32.57
N ILE D 82 -0.12 -13.28 32.41
CA ILE D 82 -0.64 -14.10 33.50
C ILE D 82 -1.71 -13.30 34.23
N ARG D 83 -1.30 -12.22 34.89
CA ARG D 83 -2.21 -11.26 35.49
C ARG D 83 -1.66 -9.87 35.26
N CYS D 84 -2.48 -8.86 35.52
CA CYS D 84 -1.99 -7.48 35.51
C CYS D 84 -1.20 -7.24 36.78
N TRP D 85 0.05 -6.80 36.64
CA TRP D 85 0.95 -6.67 37.76
C TRP D 85 0.97 -5.27 38.35
N TYR D 86 0.14 -4.36 37.85
CA TYR D 86 0.05 -3.00 38.37
C TYR D 86 -0.98 -2.94 39.48
N ASP D 87 -0.64 -2.28 40.59
CA ASP D 87 -1.63 -2.02 41.62
C ASP D 87 -2.48 -0.82 41.22
N LYS D 88 -3.37 -0.41 42.13
CA LYS D 88 -4.32 0.66 41.83
C LYS D 88 -3.66 2.02 41.65
N ASP D 89 -2.35 2.14 41.88
CA ASP D 89 -1.64 3.40 41.69
C ASP D 89 -0.55 3.30 40.63
N GLY D 90 -0.55 2.25 39.82
CA GLY D 90 0.40 2.15 38.73
C GLY D 90 1.74 1.56 39.09
N ARG D 91 1.86 0.93 40.26
CA ARG D 91 3.11 0.35 40.71
C ARG D 91 3.05 -1.17 40.65
N LEU D 92 4.19 -1.78 40.34
CA LEU D 92 4.27 -3.23 40.28
C LEU D 92 3.96 -3.84 41.64
N LEU D 93 3.17 -4.91 41.63
CA LEU D 93 2.95 -5.67 42.85
C LEU D 93 4.28 -6.19 43.38
N GLN D 94 4.42 -6.24 44.71
CA GLN D 94 5.71 -6.60 45.29
C GLN D 94 6.08 -8.05 45.02
N GLU D 95 5.08 -8.92 44.84
CA GLU D 95 5.37 -10.31 44.49
C GLU D 95 5.78 -10.48 43.02
N PHE D 96 6.14 -9.37 42.36
CA PHE D 96 6.56 -9.42 40.96
C PHE D 96 7.88 -10.18 40.84
N ASN D 97 7.94 -11.10 39.87
CA ASN D 97 9.16 -11.85 39.62
C ASN D 97 10.26 -10.92 39.11
N LYS D 98 11.09 -10.42 40.03
CA LYS D 98 12.07 -9.39 39.68
C LYS D 98 13.30 -9.95 38.97
N ILE D 99 13.53 -11.26 38.98
CA ILE D 99 14.69 -11.83 38.32
C ILE D 99 14.27 -12.48 37.00
N GLU D 100 13.00 -12.89 36.91
CA GLU D 100 12.43 -13.44 35.69
C GLU D 100 11.12 -12.70 35.41
N PRO D 101 11.20 -11.47 34.92
CA PRO D 101 9.99 -10.67 34.71
C PRO D 101 9.22 -11.15 33.49
N PRO D 102 7.92 -11.41 33.64
CA PRO D 102 7.12 -11.80 32.48
C PRO D 102 6.90 -10.63 31.54
N LEU D 103 6.56 -10.95 30.29
CA LEU D 103 6.15 -9.93 29.34
C LEU D 103 4.87 -9.28 29.83
N ILE D 104 4.82 -7.95 29.72
CA ILE D 104 3.64 -7.17 30.09
C ILE D 104 2.95 -6.71 28.82
N PHE D 105 1.64 -6.96 28.74
CA PHE D 105 0.82 -6.52 27.62
C PHE D 105 -0.15 -5.46 28.14
N GLU D 106 0.22 -4.20 27.98
CA GLU D 106 -0.66 -3.11 28.37
C GLU D 106 -1.80 -2.97 27.36
N CYS D 107 -2.91 -2.41 27.83
CA CYS D 107 -4.04 -2.17 26.95
C CYS D 107 -3.65 -1.21 25.83
N ASN D 108 -4.31 -1.36 24.68
CA ASN D 108 -3.93 -0.61 23.48
C ASN D 108 -5.13 0.03 22.81
N GLN D 109 -4.91 0.56 21.61
CA GLN D 109 -5.97 1.27 20.88
C GLN D 109 -7.08 0.35 20.38
N ALA D 110 -6.86 -0.96 20.36
CA ALA D 110 -7.91 -1.89 19.96
C ALA D 110 -8.81 -2.29 21.11
N CYS D 111 -8.36 -2.15 22.35
CA CYS D 111 -9.19 -2.47 23.50
C CYS D 111 -10.40 -1.54 23.56
N SER D 112 -11.49 -2.04 24.14
CA SER D 112 -12.69 -1.24 24.29
C SER D 112 -12.66 -0.35 25.53
N CYS D 113 -11.65 -0.51 26.39
CA CYS D 113 -11.56 0.29 27.59
C CYS D 113 -11.16 1.73 27.25
N TRP D 114 -11.21 2.59 28.27
CA TRP D 114 -10.82 3.98 28.10
C TRP D 114 -9.31 4.13 28.25
N ARG D 115 -8.81 5.28 27.80
CA ARG D 115 -7.38 5.58 27.85
C ARG D 115 -6.84 5.69 29.27
N ASN D 116 -7.72 5.80 30.28
CA ASN D 116 -7.29 5.97 31.66
C ASN D 116 -7.40 4.69 32.48
N CYS D 117 -7.42 3.52 31.83
CA CYS D 117 -7.60 2.28 32.56
C CYS D 117 -6.33 1.93 33.33
N LYS D 118 -6.46 0.94 34.22
CA LYS D 118 -5.38 0.57 35.15
C LYS D 118 -4.25 -0.19 34.49
N ASN D 119 -4.31 -0.44 33.18
CA ASN D 119 -3.28 -1.25 32.52
C ASN D 119 -2.55 -0.45 31.45
N ARG D 120 -2.09 0.75 31.81
CA ARG D 120 -1.44 1.64 30.83
C ARG D 120 -0.36 2.47 31.50
N VAL D 121 0.44 1.84 32.37
CA VAL D 121 1.42 2.58 33.16
C VAL D 121 2.55 3.10 32.28
N VAL D 122 3.20 2.19 31.55
CA VAL D 122 4.41 2.56 30.81
C VAL D 122 4.08 3.55 29.69
N GLN D 123 2.92 3.40 29.06
CA GLN D 123 2.57 4.30 27.96
C GLN D 123 2.18 5.70 28.43
N SER D 124 2.13 5.94 29.73
CA SER D 124 1.80 7.26 30.27
C SER D 124 3.02 8.13 30.53
N GLY D 125 4.23 7.60 30.33
CA GLY D 125 5.43 8.41 30.38
C GLY D 125 6.03 8.54 31.77
N ILE D 126 7.10 9.34 31.83
CA ILE D 126 7.83 9.55 33.07
C ILE D 126 7.01 10.40 34.02
N LYS D 127 7.04 10.07 35.31
CA LYS D 127 6.35 10.81 36.34
C LYS D 127 7.25 11.34 37.45
N VAL D 128 8.41 10.72 37.68
CA VAL D 128 9.24 11.04 38.84
C VAL D 128 10.27 12.10 38.46
N ARG D 129 10.81 12.76 39.47
CA ARG D 129 11.80 13.81 39.29
C ARG D 129 13.19 13.17 39.24
N LEU D 130 13.79 13.16 38.07
CA LEU D 130 15.13 12.62 37.85
C LEU D 130 16.12 13.74 37.62
N GLN D 131 17.40 13.38 37.60
CA GLN D 131 18.46 14.35 37.34
C GLN D 131 19.64 13.66 36.69
N LEU D 132 20.11 14.22 35.59
CA LEU D 132 21.37 13.82 34.99
C LEU D 132 22.51 14.51 35.74
N TYR D 133 23.38 13.73 36.37
CA TYR D 133 24.42 14.31 37.22
C TYR D 133 25.74 13.62 36.96
N ARG D 134 26.82 14.30 37.35
CA ARG D 134 28.18 13.79 37.18
C ARG D 134 28.54 12.92 38.38
N THR D 135 28.85 11.65 38.12
CA THR D 135 29.34 10.78 39.18
C THR D 135 30.82 11.04 39.43
N ALA D 136 31.35 10.40 40.47
CA ALA D 136 32.75 10.61 40.82
C ALA D 136 33.67 9.67 40.07
N LYS D 137 33.17 8.49 39.66
CA LYS D 137 34.04 7.48 39.06
C LYS D 137 33.43 6.74 37.88
N MET D 138 32.18 7.05 37.49
CA MET D 138 31.52 6.33 36.41
C MET D 138 31.03 7.25 35.30
N GLY D 139 31.53 8.48 35.25
CA GLY D 139 31.06 9.43 34.25
C GLY D 139 29.74 10.06 34.63
N TRP D 140 28.83 10.18 33.67
CA TRP D 140 27.51 10.72 33.96
C TRP D 140 26.60 9.63 34.51
N GLY D 141 25.61 10.04 35.30
CA GLY D 141 24.66 9.13 35.87
C GLY D 141 23.30 9.79 36.02
N VAL D 142 22.33 9.02 36.49
CA VAL D 142 20.99 9.50 36.76
C VAL D 142 20.66 9.19 38.21
N ARG D 143 20.13 10.18 38.93
CA ARG D 143 19.72 10.01 40.31
C ARG D 143 18.33 10.57 40.51
N ALA D 144 17.71 10.19 41.62
CA ALA D 144 16.36 10.63 41.95
C ALA D 144 16.41 11.92 42.74
N LEU D 145 15.52 12.86 42.39
CA LEU D 145 15.32 14.08 43.14
C LEU D 145 14.11 13.99 44.05
N GLN D 146 13.71 12.78 44.43
CA GLN D 146 12.54 12.52 45.25
C GLN D 146 12.61 11.09 45.74
N THR D 147 11.79 10.78 46.74
CA THR D 147 11.63 9.40 47.17
C THR D 147 10.77 8.65 46.17
N ILE D 148 11.17 7.43 45.85
CA ILE D 148 10.46 6.61 44.86
C ILE D 148 10.08 5.28 45.48
N PRO D 149 8.80 5.00 45.69
CA PRO D 149 8.40 3.71 46.26
C PRO D 149 8.78 2.56 45.34
N GLN D 150 8.87 1.38 45.93
CA GLN D 150 9.17 0.16 45.16
C GLN D 150 8.07 -0.09 44.14
N GLY D 151 8.48 -0.51 42.95
CA GLY D 151 7.55 -0.85 41.90
C GLY D 151 7.13 0.31 41.00
N THR D 152 7.71 1.49 41.18
CA THR D 152 7.33 2.65 40.41
C THR D 152 8.01 2.65 39.05
N PHE D 153 7.26 3.01 38.01
CA PHE D 153 7.85 3.19 36.69
C PHE D 153 8.78 4.40 36.69
N ILE D 154 9.97 4.23 36.14
CA ILE D 154 10.98 5.29 36.13
C ILE D 154 11.04 5.91 34.74
N CYS D 155 11.54 5.14 33.78
CA CYS D 155 11.69 5.62 32.41
C CYS D 155 11.80 4.41 31.50
N GLU D 156 11.79 4.68 30.19
CA GLU D 156 11.94 3.64 29.17
C GLU D 156 13.31 3.75 28.54
N TYR D 157 13.93 2.61 28.24
CA TYR D 157 15.20 2.59 27.53
C TYR D 157 14.91 2.85 26.05
N VAL D 158 15.17 4.08 25.61
CA VAL D 158 14.83 4.53 24.27
C VAL D 158 16.09 4.63 23.44
N GLY D 159 15.99 4.25 22.17
CA GLY D 159 17.13 4.36 21.28
C GLY D 159 16.77 4.00 19.85
N GLU D 160 17.80 3.70 19.07
CA GLU D 160 17.64 3.37 17.66
C GLU D 160 17.57 1.86 17.49
N LEU D 161 16.51 1.39 16.85
CA LEU D 161 16.33 -0.04 16.63
C LEU D 161 17.24 -0.52 15.52
N ILE D 162 18.03 -1.56 15.81
CA ILE D 162 18.98 -2.12 14.84
C ILE D 162 18.93 -3.64 14.93
N SER D 163 19.43 -4.29 13.88
CA SER D 163 19.55 -5.73 13.86
C SER D 163 20.83 -6.15 14.58
N ASP D 164 20.88 -7.45 14.95
CA ASP D 164 22.06 -7.95 15.62
C ASP D 164 23.26 -8.04 14.69
N ALA D 165 23.01 -8.32 13.41
CA ALA D 165 24.08 -8.22 12.41
C ALA D 165 24.61 -6.80 12.35
N GLU D 166 23.73 -5.81 12.48
CA GLU D 166 24.16 -4.41 12.50
C GLU D 166 24.96 -4.09 13.76
N ALA D 167 24.56 -4.66 14.90
CA ALA D 167 25.27 -4.41 16.15
C ALA D 167 26.71 -4.89 16.09
N ASP D 168 27.04 -5.81 15.18
CA ASP D 168 28.41 -6.31 15.09
C ASP D 168 29.32 -5.29 14.43
N VAL D 169 28.83 -4.57 13.42
CA VAL D 169 29.64 -3.63 12.67
C VAL D 169 29.67 -2.28 13.39
N ARG D 170 29.15 -2.24 14.61
CA ARG D 170 29.09 -1.01 15.40
C ARG D 170 30.34 -0.89 16.25
N GLU D 171 31.00 0.27 16.16
CA GLU D 171 32.21 0.51 16.93
C GLU D 171 31.89 0.57 18.43
N ASP D 172 30.95 1.42 18.81
CA ASP D 172 30.60 1.62 20.22
C ASP D 172 29.44 0.70 20.59
N ASP D 173 29.72 -0.30 21.42
CA ASP D 173 28.68 -1.20 21.93
C ASP D 173 28.38 -0.93 23.40
N SER D 174 28.64 0.28 23.88
CA SER D 174 28.41 0.61 25.28
C SER D 174 26.97 1.01 25.58
N TYR D 175 26.14 1.15 24.56
CA TYR D 175 24.76 1.63 24.73
C TYR D 175 23.76 0.67 24.10
N LEU D 176 24.06 -0.63 24.13
CA LEU D 176 23.20 -1.63 23.51
C LEU D 176 22.32 -2.32 24.54
N PHE D 177 21.07 -2.58 24.16
CA PHE D 177 20.16 -3.39 24.96
C PHE D 177 19.64 -4.51 24.09
N ASP D 178 19.90 -5.75 24.51
CA ASP D 178 19.47 -6.92 23.76
C ASP D 178 17.98 -7.18 23.99
N LEU D 179 17.22 -7.22 22.90
CA LEU D 179 15.76 -7.51 22.92
C LEU D 179 15.52 -9.02 22.77
N ASP D 180 16.09 -9.74 23.71
CA ASP D 180 16.14 -11.20 23.97
C ASP D 180 15.26 -12.12 23.10
N ASN D 181 13.94 -11.97 23.09
CA ASN D 181 13.05 -12.97 22.43
C ASN D 181 13.41 -14.36 22.98
N GLU D 185 17.61 -14.07 14.91
CA GLU D 185 16.24 -13.56 15.05
C GLU D 185 16.17 -12.48 16.13
N VAL D 186 17.31 -12.15 16.70
CA VAL D 186 17.39 -11.22 17.83
C VAL D 186 17.64 -9.82 17.32
N TYR D 187 17.20 -8.83 18.09
CA TYR D 187 17.30 -7.42 17.74
C TYR D 187 17.83 -6.65 18.94
N CYS D 188 18.18 -5.39 18.72
CA CYS D 188 18.80 -4.58 19.76
C CYS D 188 18.29 -3.15 19.71
N ILE D 189 18.40 -2.46 20.85
CA ILE D 189 18.23 -1.02 20.94
C ILE D 189 19.61 -0.41 21.17
N ASP D 190 19.97 0.58 20.36
CA ASP D 190 21.25 1.25 20.45
C ASP D 190 21.01 2.71 20.80
N ALA D 191 21.51 3.13 21.96
CA ALA D 191 21.35 4.50 22.43
C ALA D 191 22.60 5.35 22.25
N ARG D 192 23.57 4.89 21.45
CA ARG D 192 24.81 5.63 21.27
C ARG D 192 24.56 6.95 20.56
N TYR D 193 23.86 6.92 19.43
CA TYR D 193 23.62 8.11 18.64
C TYR D 193 22.26 8.74 18.87
N TYR D 194 21.25 7.93 19.21
CA TYR D 194 19.92 8.42 19.54
C TYR D 194 19.46 7.74 20.82
N GLY D 195 19.02 8.52 21.79
CA GLY D 195 18.56 7.93 23.04
C GLY D 195 17.91 8.96 23.95
N ASN D 196 17.49 8.48 25.11
CA ASN D 196 16.87 9.36 26.11
C ASN D 196 17.68 9.33 27.41
N ILE D 197 17.03 9.68 28.52
CA ILE D 197 17.72 9.77 29.81
C ILE D 197 18.28 8.41 30.22
N SER D 198 17.67 7.32 29.74
CA SER D 198 18.09 5.99 30.16
CA SER D 198 18.10 5.98 30.15
C SER D 198 19.51 5.65 29.69
N ARG D 199 20.01 6.30 28.65
CA ARG D 199 21.36 6.01 28.17
C ARG D 199 22.43 6.41 29.18
N PHE D 200 22.07 7.12 30.24
CA PHE D 200 23.02 7.56 31.25
C PHE D 200 22.91 6.78 32.55
N ILE D 201 22.13 5.70 32.57
CA ILE D 201 21.99 4.88 33.77
C ILE D 201 23.15 3.89 33.81
N ASN D 202 23.92 3.92 34.89
CA ASN D 202 25.10 3.09 35.04
C ASN D 202 24.74 1.72 35.58
N HIS D 203 25.71 0.80 35.49
CA HIS D 203 25.57 -0.51 36.11
C HIS D 203 25.83 -0.42 37.60
N LEU D 204 25.03 -1.15 38.37
CA LEU D 204 25.19 -1.24 39.82
C LEU D 204 25.15 -2.71 40.22
N CYS D 205 26.17 -3.16 40.94
CA CYS D 205 26.18 -4.55 41.41
C CYS D 205 25.09 -4.81 42.44
N ASP D 206 24.61 -3.77 43.12
CA ASP D 206 23.40 -3.84 43.95
C ASP D 206 22.39 -2.88 43.34
N PRO D 207 21.66 -3.31 42.33
CA PRO D 207 20.79 -2.39 41.59
C PRO D 207 19.51 -2.07 42.34
N ASN D 208 18.90 -0.94 41.95
CA ASN D 208 17.63 -0.51 42.51
C ASN D 208 16.53 -0.40 41.47
N ILE D 209 16.80 -0.72 40.20
CA ILE D 209 15.77 -0.75 39.16
C ILE D 209 15.97 -2.03 38.35
N ILE D 210 14.90 -2.43 37.65
CA ILE D 210 14.94 -3.64 36.83
C ILE D 210 14.31 -3.37 35.46
N PRO D 211 14.86 -3.94 34.40
CA PRO D 211 14.22 -3.78 33.08
C PRO D 211 13.13 -4.84 32.87
N VAL D 212 12.03 -4.39 32.26
CA VAL D 212 10.90 -5.27 31.94
C VAL D 212 10.53 -5.06 30.48
N ARG D 213 10.19 -6.16 29.80
CA ARG D 213 9.73 -6.09 28.42
C ARG D 213 8.23 -5.87 28.38
N VAL D 214 7.80 -4.84 27.67
CA VAL D 214 6.42 -4.40 27.65
C VAL D 214 5.98 -4.20 26.20
N PHE D 215 4.71 -4.50 25.92
CA PHE D 215 4.10 -4.23 24.64
C PHE D 215 2.93 -3.27 24.82
N MET D 216 2.83 -2.29 23.94
CA MET D 216 1.81 -1.26 24.07
C MET D 216 1.01 -1.08 22.79
N LEU D 217 1.46 -0.19 21.92
CA LEU D 217 0.71 0.13 20.70
C LEU D 217 0.90 -0.90 19.60
N HIS D 218 1.88 -1.79 19.71
CA HIS D 218 2.05 -2.90 18.78
C HIS D 218 2.44 -4.14 19.58
N GLN D 219 2.32 -5.29 18.94
CA GLN D 219 2.71 -6.55 19.55
C GLN D 219 3.65 -7.33 18.63
N ASP D 220 4.40 -6.62 17.80
CA ASP D 220 5.49 -7.20 17.03
C ASP D 220 6.53 -7.74 18.02
N LEU D 221 6.62 -9.07 18.14
CA LEU D 221 7.45 -9.67 19.18
C LEU D 221 8.93 -9.48 18.95
N ARG D 222 9.35 -8.99 17.79
CA ARG D 222 10.75 -8.63 17.60
C ARG D 222 11.15 -7.43 18.46
N PHE D 223 10.20 -6.54 18.74
CA PHE D 223 10.50 -5.23 19.30
C PHE D 223 9.70 -4.96 20.56
N PRO D 224 9.99 -5.67 21.66
CA PRO D 224 9.44 -5.25 22.94
C PRO D 224 10.12 -3.98 23.40
N ARG D 225 9.40 -3.20 24.22
CA ARG D 225 9.95 -1.97 24.76
C ARG D 225 10.39 -2.19 26.19
N ILE D 226 11.51 -1.55 26.56
CA ILE D 226 12.20 -1.80 27.81
C ILE D 226 11.74 -0.76 28.83
N ALA D 227 11.15 -1.25 29.93
CA ALA D 227 10.65 -0.38 30.99
C ALA D 227 11.41 -0.66 32.27
N PHE D 228 11.89 0.40 32.92
CA PHE D 228 12.61 0.29 34.18
C PHE D 228 11.66 0.57 35.34
N PHE D 229 11.63 -0.34 36.31
CA PHE D 229 10.85 -0.19 37.52
C PHE D 229 11.76 -0.31 38.74
N SER D 230 11.50 0.51 39.74
CA SER D 230 12.26 0.42 40.98
C SER D 230 11.99 -0.91 41.67
N SER D 231 13.07 -1.60 42.05
CA SER D 231 12.96 -2.88 42.75
C SER D 231 12.90 -2.71 44.26
N ARG D 232 13.09 -1.50 44.77
CA ARG D 232 12.99 -1.24 46.20
C ARG D 232 12.74 0.25 46.40
N ASP D 233 12.55 0.64 47.64
CA ASP D 233 12.41 2.06 47.97
C ASP D 233 13.71 2.79 47.65
N ILE D 234 13.57 3.96 47.03
CA ILE D 234 14.70 4.77 46.59
C ILE D 234 14.58 6.15 47.24
N ARG D 235 15.67 6.63 47.79
CA ARG D 235 15.69 7.90 48.51
C ARG D 235 16.30 9.01 47.66
N THR D 236 15.98 10.25 48.02
CA THR D 236 16.39 11.42 47.24
C THR D 236 17.90 11.49 47.12
N GLY D 237 18.39 11.77 45.91
CA GLY D 237 19.81 11.87 45.64
C GLY D 237 20.51 10.55 45.38
N GLU D 238 19.80 9.44 45.41
CA GLU D 238 20.41 8.13 45.21
C GLU D 238 20.51 7.82 43.73
N GLU D 239 21.65 7.28 43.32
CA GLU D 239 21.87 6.96 41.92
C GLU D 239 21.07 5.74 41.50
N LEU D 240 20.44 5.82 40.34
CA LEU D 240 19.72 4.71 39.76
C LEU D 240 20.66 3.84 38.94
N GLY D 241 20.45 2.53 38.99
CA GLY D 241 21.27 1.61 38.24
C GLY D 241 20.64 0.23 38.21
N PHE D 242 21.06 -0.55 37.21
CA PHE D 242 20.57 -1.90 37.04
C PHE D 242 21.73 -2.80 36.64
N ASP D 243 21.49 -4.12 36.70
CA ASP D 243 22.51 -5.11 36.35
C ASP D 243 22.64 -5.15 34.84
N TYR D 244 23.80 -4.71 34.33
CA TYR D 244 24.05 -4.77 32.89
C TYR D 244 24.03 -6.21 32.39
N GLY D 245 24.57 -7.13 33.17
CA GLY D 245 24.62 -8.54 32.80
C GLY D 245 26.04 -8.97 32.47
N ASP D 246 26.19 -10.30 32.34
CA ASP D 246 27.51 -10.87 32.14
C ASP D 246 28.05 -10.63 30.73
N ARG D 247 27.15 -10.51 29.73
CA ARG D 247 27.61 -10.28 28.36
C ARG D 247 28.34 -8.95 28.24
N PHE D 248 27.85 -7.92 28.93
CA PHE D 248 28.50 -6.61 28.89
C PHE D 248 29.89 -6.68 29.53
N TRP D 249 29.99 -7.33 30.69
CA TRP D 249 31.24 -7.29 31.45
C TRP D 249 32.28 -8.27 30.93
N ASP D 250 31.85 -9.36 30.30
CA ASP D 250 32.80 -10.24 29.63
C ASP D 250 33.54 -9.52 28.51
N ILE D 251 32.90 -8.51 27.92
CA ILE D 251 33.47 -7.79 26.78
C ILE D 251 34.28 -6.58 27.23
N LYS D 252 33.79 -5.85 28.24
CA LYS D 252 34.39 -4.57 28.62
C LYS D 252 35.48 -4.69 29.67
N SER D 253 35.72 -5.88 30.22
CA SER D 253 36.66 -6.00 31.33
C SER D 253 38.10 -5.68 30.92
N LYS D 254 38.44 -5.87 29.64
CA LYS D 254 39.78 -5.54 29.19
C LYS D 254 40.04 -4.05 29.28
N TYR D 255 39.03 -3.23 29.00
CA TYR D 255 39.21 -1.79 28.90
C TYR D 255 38.95 -1.06 30.21
N PHE D 256 38.05 -1.57 31.04
CA PHE D 256 37.81 -0.98 32.35
C PHE D 256 37.11 -2.01 33.23
N THR D 257 37.05 -1.71 34.53
CA THR D 257 36.36 -2.54 35.51
C THR D 257 35.29 -1.71 36.22
N CYS D 258 34.45 -2.40 36.99
CA CYS D 258 33.31 -1.75 37.63
C CYS D 258 33.77 -0.88 38.79
N GLN D 259 33.20 0.32 38.87
CA GLN D 259 33.52 1.28 39.91
C GLN D 259 32.34 1.56 40.84
N CYS D 260 31.37 0.64 40.92
CA CYS D 260 30.19 0.88 41.75
C CYS D 260 30.55 0.95 43.23
N GLY D 261 31.62 0.30 43.64
CA GLY D 261 32.10 0.42 45.01
C GLY D 261 31.27 -0.30 46.04
N SER D 262 30.39 -1.21 45.62
CA SER D 262 29.62 -2.00 46.57
C SER D 262 30.46 -3.14 47.12
N GLU D 263 30.19 -3.50 48.38
CA GLU D 263 30.85 -4.67 48.96
C GLU D 263 30.44 -5.96 48.26
N LYS D 264 29.32 -5.94 47.53
CA LYS D 264 28.89 -7.06 46.72
C LYS D 264 29.38 -6.96 45.28
N CYS D 265 30.32 -6.07 44.99
CA CYS D 265 30.73 -5.83 43.60
C CYS D 265 31.34 -7.09 43.00
N LYS D 266 30.80 -7.52 41.87
CA LYS D 266 31.23 -8.74 41.22
C LYS D 266 32.05 -8.48 39.96
N HIS D 267 32.31 -7.21 39.63
CA HIS D 267 32.95 -6.87 38.37
C HIS D 267 34.12 -5.90 38.53
N SER D 268 34.56 -5.63 39.74
CA SER D 268 35.74 -4.79 39.92
C SER D 268 37.00 -5.55 39.51
N ALA D 269 38.11 -4.82 39.43
CA ALA D 269 39.38 -5.47 39.12
C ALA D 269 39.76 -6.45 40.21
N GLU D 270 39.44 -6.14 41.46
CA GLU D 270 39.71 -7.05 42.56
C GLU D 270 38.87 -8.33 42.44
N ALA D 271 37.57 -8.16 42.18
CA ALA D 271 36.69 -9.32 42.08
C ALA D 271 37.07 -10.21 40.89
N ILE D 272 37.43 -9.59 39.77
CA ILE D 272 37.87 -10.36 38.61
C ILE D 272 39.16 -11.12 38.95
N ALA D 273 40.11 -10.42 39.57
CA ALA D 273 41.40 -11.03 39.88
C ALA D 273 41.28 -12.08 40.98
N LEU D 274 40.29 -11.94 41.86
CA LEU D 274 40.07 -12.95 42.89
C LEU D 274 39.46 -14.23 42.31
N GLU D 275 38.64 -14.10 41.26
CA GLU D 275 37.99 -15.27 40.69
C GLU D 275 38.88 -15.98 39.68
N GLN D 276 39.78 -15.25 39.02
CA GLN D 276 40.71 -15.88 38.09
C GLN D 276 41.70 -16.80 38.80
N SER D 277 41.89 -16.59 40.12
CA SER D 277 42.85 -17.32 40.95
C SER D 277 42.94 -18.78 40.55
N ARG D 278 41.86 -19.53 40.77
CA ARG D 278 41.71 -20.87 40.22
C ARG D 278 40.30 -21.38 40.49
ZN ZN E . 4.53 6.46 -21.87
ZN ZN F . 6.15 5.15 -25.12
ZN ZN G . 6.73 8.68 -23.92
ZN ZN H . -30.87 4.47 -39.22
N SAM I . -28.65 -6.41 -31.85
CA SAM I . -27.63 -7.45 -31.75
C SAM I . -28.04 -8.56 -30.79
O SAM I . -29.11 -8.53 -30.19
OXT SAM I . -27.30 -9.53 -30.60
CB SAM I . -26.30 -6.85 -31.33
CG SAM I . -25.57 -6.10 -32.45
SD SAM I . -24.96 -7.25 -33.70
CE SAM I . -23.24 -6.68 -33.86
C5' SAM I . -25.69 -6.58 -35.21
C4' SAM I . -27.12 -7.08 -35.41
O4' SAM I . -28.00 -6.31 -34.63
C3' SAM I . -27.56 -6.95 -36.86
O3' SAM I . -27.43 -8.17 -37.53
C2' SAM I . -29.01 -6.56 -36.75
O2' SAM I . -29.81 -7.73 -36.75
C1' SAM I . -29.12 -5.89 -35.39
N9 SAM I . -29.02 -4.45 -35.59
C8 SAM I . -27.92 -3.67 -35.30
N7 SAM I . -28.20 -2.40 -35.63
C5 SAM I . -29.44 -2.34 -36.14
C6 SAM I . -30.20 -1.29 -36.64
N6 SAM I . -29.69 -0.06 -36.66
N1 SAM I . -31.47 -1.53 -37.11
C2 SAM I . -31.98 -2.82 -37.09
N3 SAM I . -31.22 -3.85 -36.59
C4 SAM I . -29.97 -3.62 -36.13
C1 G5U J . -12.43 -10.09 -43.05
C10 G5U J . -20.12 -12.29 -46.03
C11 G5U J . -19.62 -13.15 -44.97
C12 G5U J . -19.85 -14.63 -45.31
C14 G5U J . -21.06 -15.87 -46.72
C15 G5U J . -21.44 -16.05 -48.20
C16 G5U J . -20.08 -16.94 -46.20
C17 G5U J . -19.98 -14.18 -47.64
C18 G5U J . -19.75 -12.70 -47.40
C19 G5U J . -19.17 -9.03 -44.11
C2 G5U J . -12.62 -9.63 -44.52
C20 G5U J . -20.51 -8.54 -43.95
C21 G5U J . -20.76 -7.48 -43.04
C23 G5U J . -23.03 -8.02 -42.97
C24 G5U J . -19.72 -6.89 -42.27
C26 G5U J . -18.92 -4.87 -41.25
C27 G5U J . -18.91 -4.32 -39.81
C28 G5U J . -20.33 -4.28 -39.22
C3 G5U J . -14.09 -9.21 -44.69
C30 G5U J . -18.91 -4.20 -37.39
C31 G5U J . -19.03 -4.67 -36.17
C32 G5U J . -20.19 -5.59 -36.22
C33 G5U J . -20.79 -5.42 -37.65
C34 G5U J . -18.42 -7.38 -42.43
C35 G5U J . -18.17 -8.45 -43.35
C6 G5U J . -16.57 -9.86 -44.31
C8 G5U J . -18.80 -10.12 -45.00
N13 G5U J . -20.67 -14.75 -46.51
N29 G5U J . -20.34 -4.31 -38.04
N36 G5U J . -16.87 -8.88 -43.45
N5 G5U J . -15.11 -10.17 -44.25
N7 G5U J . -17.49 -10.49 -45.07
N9 G5U J . -19.85 -10.77 -45.84
O22 G5U J . -22.06 -7.01 -42.90
O25 G5U J . -19.97 -5.83 -41.35
O4 G5U J . -14.36 -8.17 -45.17
ZN ZN K . 10.38 23.86 16.09
ZN ZN L . 11.92 22.10 12.83
ZN ZN M . 12.80 25.46 13.46
ZN ZN N . -25.69 21.87 -0.07
N SAM O . -23.83 12.00 8.46
CA SAM O . -22.83 10.95 8.52
C SAM O . -23.18 9.91 9.57
O SAM O . -24.17 10.03 10.30
OXT SAM O . -22.48 8.91 9.73
CB SAM O . -21.45 11.53 8.80
CG SAM O . -20.73 12.07 7.56
SD SAM O . -20.12 10.75 6.51
CE SAM O . -18.40 11.24 6.27
C5' SAM O . -20.82 11.19 4.90
C4' SAM O . -22.27 10.73 4.77
O4' SAM O . -23.11 11.63 5.49
C3' SAM O . -22.76 10.74 3.33
O3' SAM O . -22.63 9.46 2.74
C2' SAM O . -24.21 11.13 3.47
O2' SAM O . -24.97 9.97 3.69
C1' SAM O . -24.23 11.98 4.71
N9 SAM O . -24.07 13.39 4.30
C8 SAM O . -22.91 14.12 4.38
N7 SAM O . -23.15 15.36 3.90
C5 SAM O . -24.44 15.42 3.50
C6 SAM O . -25.19 16.45 2.93
N6 SAM O . -24.64 17.63 2.70
N1 SAM O . -26.52 16.22 2.61
C2 SAM O . -27.08 14.99 2.87
N3 SAM O . -26.33 13.97 3.42
C4 SAM O . -25.03 14.19 3.75
C1 G5U P . -9.12 6.97 -1.58
C10 G5U P . -15.92 3.95 -5.19
C11 G5U P . -15.16 2.89 -4.57
C12 G5U P . -15.11 1.64 -5.45
C14 G5U P . -16.17 0.67 -7.11
C15 G5U P . -14.86 0.50 -7.90
C16 G5U P . -16.44 -0.49 -6.14
C17 G5U P . -15.87 2.79 -7.40
C18 G5U P . -15.78 4.12 -6.64
C19 G5U P . -14.76 7.42 -3.58
C2 G5U P . -10.22 6.29 -2.39
C20 G5U P . -16.04 7.84 -3.12
C21 G5U P . -16.18 9.09 -2.48
C23 G5U P . -18.50 8.75 -2.57
C24 G5U P . -15.06 9.94 -2.30
C26 G5U P . -14.06 11.74 -1.05
C27 G5U P . -14.52 12.84 -0.08
C28 G5U P . -15.58 12.28 0.86
C3 G5U P . -9.89 6.07 -3.89
C30 G5U P . -13.97 12.71 2.40
C31 G5U P . -14.01 12.64 3.72
C32 G5U P . -15.29 12.00 4.06
C33 G5U P . -16.11 11.98 2.73
C34 G5U P . -13.81 9.52 -2.76
C35 G5U P . -13.66 8.23 -3.41
C6 G5U P . -12.29 6.64 -4.46
C8 G5U P . -14.57 6.15 -4.24
N13 G5U P . -16.13 1.70 -6.50
N29 G5U P . -15.49 12.73 1.93
N36 G5U P . -12.41 7.83 -3.86
N5 G5U P . -10.93 6.25 -4.92
N7 G5U P . -13.33 5.80 -4.66
N9 G5U P . -15.78 5.29 -4.41
O22 G5U P . -17.44 9.49 -2.02
O25 G5U P . -15.23 11.20 -1.66
O4 G5U P . -8.80 5.76 -4.21
ZN ZN Q . -12.45 -21.68 -12.20
ZN ZN R . -11.38 -24.12 -15.02
ZN ZN S . -13.72 -25.28 -12.55
ZN ZN T . 25.03 -21.77 0.72
N SAM U . 22.51 -11.21 -6.36
CA SAM U . 22.23 -11.07 -7.78
C SAM U . 22.44 -9.64 -8.26
O SAM U . 22.93 -8.79 -7.52
OXT SAM U . 22.14 -9.30 -9.41
CB SAM U . 20.80 -11.52 -8.09
CG SAM U . 20.64 -13.03 -8.26
SD SAM U . 21.15 -13.58 -9.91
CE SAM U . 19.71 -14.54 -10.43
C5' SAM U . 22.31 -14.92 -9.53
C4' SAM U . 23.70 -14.40 -9.21
O4' SAM U . 23.73 -13.85 -7.91
C3' SAM U . 24.75 -15.51 -9.26
O3' SAM U . 25.41 -15.55 -10.50
C2' SAM U . 25.70 -15.12 -8.15
O2' SAM U . 26.72 -14.30 -8.68
C1' SAM U . 24.85 -14.32 -7.19
N9 SAM U . 24.39 -15.22 -6.13
C8 SAM U . 23.15 -15.80 -6.03
N7 SAM U . 23.12 -16.56 -4.92
C5 SAM U . 24.32 -16.49 -4.31
C6 SAM U . 24.83 -17.08 -3.16
N6 SAM U . 24.06 -17.89 -2.44
N1 SAM U . 26.12 -16.83 -2.77
C2 SAM U . 26.92 -16.00 -3.54
N3 SAM U . 26.41 -15.41 -4.68
C4 SAM U . 25.14 -15.66 -5.06
C1 G4R V . 18.33 -26.87 -21.66
C10 G4R V . 29.45 -22.30 -22.89
C11 G4R V . 28.30 -24.15 -24.21
C12 G4R V . 27.43 -21.95 -21.78
C13 G4R V . 26.22 -21.63 -20.89
C14 G4R V . 22.84 -22.80 -17.53
C15 G4R V . 23.57 -22.21 -16.45
C16 G4R V . 22.99 -22.12 -15.19
C17 G4R V . 25.09 -21.44 -14.40
C18 G4R V . 21.69 -22.61 -14.97
C19 G4R V . 19.71 -22.47 -13.67
C2 G4R V . 18.56 -25.57 -21.72
C20 G4R V . 19.26 -21.98 -12.28
C21 G4R V . 20.04 -20.75 -11.84
C22 G4R V . 19.60 -18.77 -11.84
C23 G4R V . 18.26 -17.90 -11.55
C24 G4R V . 17.29 -18.66 -11.77
C25 G4R V . 17.87 -20.11 -11.71
C26 G4R V . 20.98 -23.18 -16.01
C27 G4R V . 21.57 -23.27 -17.31
C3 G4R V . 19.27 -24.93 -20.53
C4 G4R V . 21.41 -23.92 -19.57
C5 G4R V . 23.40 -22.92 -18.85
C6 G4R V . 25.49 -22.82 -20.43
C7 G4R V . 26.39 -23.91 -20.19
C8 G4R V . 27.02 -24.38 -21.51
C9 G4R V . 28.54 -23.54 -22.83
N1 G4R V . 20.66 -24.53 -20.67
N2 G4R V . 22.65 -23.47 -19.80
N3 G4R V . 24.75 -22.44 -19.14
N4 G4R V . 27.47 -23.28 -22.35
N5 G4R V . 19.32 -19.91 -11.36
N6 G4R V . 20.88 -23.83 -18.36
O1 G4R V . 18.67 -24.80 -19.52
O2 G4R V . 23.72 -21.55 -14.13
O3 G4R V . 21.12 -22.51 -13.67
ZN ZN W . -7.73 -1.41 29.58
ZN ZN X . -6.87 -4.20 27.07
ZN ZN Y . -9.17 -4.84 30.01
ZN ZN Z . 30.26 -3.24 40.87
N SAM AA . 28.34 6.71 32.40
CA SAM AA . 27.89 6.77 31.01
C SAM AA . 28.10 8.16 30.41
O SAM AA . 28.68 9.05 31.04
OXT SAM AA . 27.73 8.41 29.26
CB SAM AA . 26.42 6.39 30.91
CG SAM AA . 26.14 4.90 30.99
SD SAM AA . 26.56 4.06 29.45
CE SAM AA . 25.04 3.14 29.10
C5' SAM AA . 27.63 2.72 30.03
C4' SAM AA . 29.07 3.18 30.22
O4' SAM AA . 29.20 3.90 31.43
C3' SAM AA . 30.04 2.01 30.28
O3' SAM AA . 30.62 1.76 29.02
C2' SAM AA . 31.08 2.50 31.26
O2' SAM AA . 32.07 3.22 30.56
C1' SAM AA . 30.32 3.43 32.16
N9 SAM AA . 29.82 2.66 33.31
C8 SAM AA . 28.53 2.28 33.53
N7 SAM AA . 28.47 1.57 34.68
C5 SAM AA . 29.72 1.49 35.18
C6 SAM AA . 30.22 0.88 36.33
N6 SAM AA . 29.41 0.24 37.16
N1 SAM AA . 31.57 0.97 36.60
C2 SAM AA . 32.41 1.65 35.75
N3 SAM AA . 31.90 2.25 34.61
C4 SAM AA . 30.58 2.17 34.34
C1 G5U BA . 21.13 -7.94 19.56
C10 G5U BA . 29.85 -6.96 20.38
C11 G5U BA . 30.34 -6.13 19.31
C12 G5U BA . 30.79 -6.90 18.08
C14 G5U BA . 31.93 -8.73 17.59
C15 G5U BA . 31.17 -9.91 16.98
C16 G5U BA . 32.38 -7.71 16.52
C17 G5U BA . 30.23 -9.02 18.99
C18 G5U BA . 29.38 -8.31 20.04
C19 G5U BA . 26.95 -6.09 22.90
C2 G5U BA . 22.12 -9.11 19.65
C20 G5U BA . 27.82 -5.61 23.93
C21 G5U BA . 27.30 -5.35 25.23
C23 G5U BA . 29.28 -4.23 25.73
C24 G5U BA . 25.94 -5.58 25.52
C26 G5U BA . 24.01 -5.18 26.89
C27 G5U BA . 23.65 -4.44 28.18
C28 G5U BA . 24.47 -3.15 28.28
C3 G5U BA . 23.28 -8.65 20.55
C30 G5U BA . 22.37 -2.30 28.47
C31 G5U BA . 21.96 -1.05 28.54
C32 G5U BA . 23.16 -0.21 28.39
C33 G5U BA . 24.38 -1.21 28.44
C34 G5U BA . 25.09 -6.04 24.52
C35 G5U BA . 25.62 -6.30 23.21
C6 G5U BA . 25.20 -7.01 21.02
C8 G5U BA . 27.40 -6.38 21.56
N13 G5U BA . 31.31 -8.21 18.48
N29 G5U BA . 23.91 -2.30 28.85
N36 G5U BA . 24.76 -6.75 22.25
N5 G5U BA . 24.10 -7.49 20.13
N7 G5U BA . 26.49 -6.82 20.63
N9 G5U BA . 28.85 -6.12 21.23
O22 G5U BA . 28.16 -4.89 26.22
O25 G5U BA . 25.42 -5.33 26.84
O4 G5U BA . 23.49 -9.21 21.57
#